data_6F1C
#
_entry.id   6F1C
#
_cell.length_a   96.779
_cell.length_b   124.265
_cell.length_c   195.499
_cell.angle_alpha   90.000
_cell.angle_beta   90.000
_cell.angle_gamma   90.000
#
_symmetry.space_group_name_H-M   'P 21 21 21'
#
loop_
_entity.id
_entity.type
_entity.pdbx_description
1 polymer 'Complement C1r subcomponent'
2 polymer 'Complement C1s subcomponent'
3 branched beta-D-galactopyranose-(1-4)-alpha-D-mannopyranose-(1-3)-[alpha-D-mannopyranose-(1-6)]beta-D-mannopyranose-(1-4)-2-acetamido-2-deoxy-beta-D-glucopyranose-(1-4)-2-acetamido-2-deoxy-beta-D-glucopyranose
4 branched alpha-D-mannopyranose-(1-3)-[alpha-D-mannopyranose-(1-6)]beta-D-mannopyranose-(1-4)-2-acetamido-2-deoxy-beta-D-glucopyranose-(1-4)-2-acetamido-2-deoxy-beta-D-glucopyranose
5 branched beta-D-mannopyranose-(1-4)-2-acetamido-2-deoxy-beta-D-glucopyranose-(1-4)-2-acetamido-2-deoxy-beta-D-glucopyranose
6 non-polymer 'CALCIUM ION'
7 non-polymer 'SODIUM ION'
8 non-polymer 2-acetamido-2-deoxy-beta-D-glucopyranose
#
loop_
_entity_poly.entity_id
_entity_poly.type
_entity_poly.pdbx_seq_one_letter_code
_entity_poly.pdbx_strand_id
1 'polypeptide(L)'
;SIPIPQKLFGEVTSPLFPKPYPNNFETTTVITVPTGYRVKLVFQQFDLEPSEGCFYDYVKISADKKSLGRFCGQLGSPLG
NPPGKKEFMSQGNKMLLTFHTDFSNEENGTIMFYKGFLAYYQAVDLDECASRSKSGEEDPQPQCQHLCHNYVGGYFCSCR
PGYELQEDTHSCQAECSSELYTEASGYISSLEYPRSYPPDLRCNYSIRVERGLTLHLKFLEPFDIDDHQQVHCPYDQLQI
YANGKNIGEFCGKQRPPDLDTSSNAVDLLFFTDESGDSRGWKLRYTTEIIK
;
A,C
2 'polypeptide(L)'
;EPTMYGEILSPNYPQAYPSEVEKSWDIEVPEGYGIHLYFTHLDIELSENCAYDSVQIISGDTEEGRLCGQRSSNNPHSPI
VEEFQVPYNKLQVIFKSDFSNEERFTGFAAYYVATDINECTDFVDVPCSHFCNNFIGGYFCSCPPEYFLHDDMKNCGVNC
SGDVFTALIGEIASPNYPKPYPENSRCEYQIRLEKGFQVVVTLRREDFDVEAADSAGNCLDSLVFVAGDRQFGPYCGHGF
PGPLNIETKSNALDIIFQTDLTGQKKGWKLRYHGDPM
;
D,B
#
# COMPACT_ATOMS: atom_id res chain seq x y z
N SER A 1 -30.29 -12.93 -2.01
CA SER A 1 -30.80 -14.02 -1.19
C SER A 1 -29.68 -14.95 -0.72
N ILE A 2 -28.50 -14.81 -1.32
CA ILE A 2 -27.32 -15.51 -0.82
C ILE A 2 -26.15 -14.53 -0.67
N PRO A 3 -26.24 -13.53 0.23
CA PRO A 3 -25.03 -12.76 0.58
C PRO A 3 -24.28 -13.35 1.77
N ILE A 4 -23.05 -13.82 1.58
CA ILE A 4 -22.33 -14.50 2.66
C ILE A 4 -20.82 -14.50 2.40
N PRO A 5 -20.00 -14.23 3.41
CA PRO A 5 -18.54 -14.12 3.18
C PRO A 5 -17.89 -15.36 2.59
N GLN A 6 -18.30 -16.56 2.98
CA GLN A 6 -17.65 -17.76 2.47
C GLN A 6 -18.69 -18.44 1.60
N LYS A 7 -18.73 -18.06 0.32
CA LYS A 7 -19.62 -18.70 -0.63
C LYS A 7 -19.09 -18.51 -2.04
N LEU A 8 -19.08 -19.60 -2.81
CA LEU A 8 -18.67 -19.55 -4.21
C LEU A 8 -19.67 -18.79 -5.07
N PHE A 9 -20.92 -19.24 -5.12
CA PHE A 9 -21.90 -18.81 -6.11
C PHE A 9 -23.20 -18.47 -5.39
N GLY A 10 -24.18 -17.93 -6.13
CA GLY A 10 -25.48 -17.76 -5.50
C GLY A 10 -26.54 -17.19 -6.41
N GLU A 11 -27.77 -17.18 -5.87
CA GLU A 11 -28.98 -16.69 -6.51
C GLU A 11 -29.43 -15.39 -5.85
N VAL A 12 -29.82 -14.41 -6.68
CA VAL A 12 -30.49 -13.21 -6.21
C VAL A 12 -31.74 -12.99 -7.07
N THR A 13 -32.90 -12.92 -6.44
CA THR A 13 -34.17 -12.84 -7.15
C THR A 13 -34.88 -11.53 -6.83
N SER A 14 -35.81 -11.17 -7.71
CA SER A 14 -36.80 -10.17 -7.37
C SER A 14 -37.71 -10.72 -6.27
N PRO A 15 -38.30 -9.85 -5.45
CA PRO A 15 -39.20 -10.35 -4.40
C PRO A 15 -40.35 -11.15 -4.98
N LEU A 16 -40.77 -12.17 -4.24
CA LEU A 16 -41.88 -13.04 -4.58
C LEU A 16 -41.66 -13.83 -5.86
N PHE A 17 -40.46 -13.80 -6.45
CA PHE A 17 -40.26 -14.46 -7.73
C PHE A 17 -40.50 -15.96 -7.55
N PRO A 18 -41.28 -16.60 -8.45
CA PRO A 18 -41.77 -16.09 -9.73
C PRO A 18 -43.03 -15.21 -9.70
N LYS A 19 -43.79 -15.23 -8.60
CA LYS A 19 -45.00 -14.44 -8.50
C LYS A 19 -44.69 -12.96 -8.77
N PRO A 20 -45.53 -12.27 -9.54
CA PRO A 20 -45.30 -10.85 -9.84
C PRO A 20 -45.00 -10.00 -8.61
N TYR A 21 -44.17 -8.96 -8.82
CA TYR A 21 -43.60 -8.17 -7.73
C TYR A 21 -44.55 -7.07 -7.26
N PRO A 22 -44.55 -6.77 -5.97
CA PRO A 22 -45.42 -5.71 -5.43
C PRO A 22 -44.92 -4.31 -5.77
N ASN A 23 -45.86 -3.39 -5.90
CA ASN A 23 -45.54 -1.98 -6.12
C ASN A 23 -45.00 -1.35 -4.84
N ASN A 24 -44.35 -0.19 -5.00
CA ASN A 24 -43.83 0.60 -3.89
C ASN A 24 -42.80 -0.20 -3.08
N PHE A 25 -41.69 -0.52 -3.76
CA PHE A 25 -40.70 -1.41 -3.16
C PHE A 25 -39.30 -1.06 -3.66
N GLU A 26 -38.34 -0.97 -2.75
CA GLU A 26 -36.94 -0.75 -3.10
C GLU A 26 -36.07 -1.50 -2.10
N THR A 27 -35.31 -2.50 -2.58
CA THR A 27 -34.46 -3.29 -1.71
C THR A 27 -33.07 -3.45 -2.31
N THR A 28 -32.05 -3.28 -1.46
CA THR A 28 -30.65 -3.42 -1.83
C THR A 28 -30.07 -4.69 -1.21
N THR A 29 -29.68 -5.64 -2.06
CA THR A 29 -28.97 -6.84 -1.65
C THR A 29 -27.53 -6.77 -2.14
N VAL A 30 -26.57 -7.04 -1.25
CA VAL A 30 -25.15 -6.90 -1.53
C VAL A 30 -24.49 -8.28 -1.56
N ILE A 31 -23.89 -8.63 -2.70
CA ILE A 31 -23.16 -9.88 -2.84
C ILE A 31 -21.73 -9.67 -2.34
N THR A 32 -21.22 -10.66 -1.58
CA THR A 32 -19.87 -10.61 -1.05
C THR A 32 -19.20 -11.97 -1.22
N VAL A 33 -18.26 -12.05 -2.15
CA VAL A 33 -17.35 -13.21 -2.24
C VAL A 33 -16.17 -12.95 -1.32
N PRO A 34 -15.36 -13.96 -0.97
CA PRO A 34 -14.21 -13.72 -0.09
C PRO A 34 -13.12 -12.86 -0.71
N THR A 35 -12.07 -12.59 0.05
CA THR A 35 -10.98 -11.74 -0.42
C THR A 35 -10.29 -12.34 -1.64
N GLY A 36 -9.90 -11.48 -2.57
CA GLY A 36 -9.20 -11.91 -3.77
C GLY A 36 -10.08 -12.62 -4.78
N TYR A 37 -11.33 -12.18 -4.93
CA TYR A 37 -12.22 -12.72 -5.95
C TYR A 37 -13.05 -11.60 -6.56
N ARG A 38 -13.39 -11.77 -7.84
CA ARG A 38 -14.31 -10.92 -8.57
C ARG A 38 -15.70 -11.57 -8.59
N VAL A 39 -16.71 -10.76 -8.91
CA VAL A 39 -18.11 -11.19 -8.88
C VAL A 39 -18.70 -11.02 -10.28
N LYS A 40 -18.95 -12.14 -10.95
CA LYS A 40 -19.63 -12.16 -12.24
C LYS A 40 -21.10 -12.53 -12.01
N LEU A 41 -22.00 -11.94 -12.81
CA LEU A 41 -23.41 -12.29 -12.66
C LEU A 41 -24.17 -11.96 -13.95
N VAL A 42 -25.28 -12.68 -14.15
CA VAL A 42 -26.14 -12.50 -15.32
C VAL A 42 -27.60 -12.71 -14.90
N PHE A 43 -28.52 -12.31 -15.78
CA PHE A 43 -29.96 -12.43 -15.57
C PHE A 43 -30.52 -13.50 -16.51
N GLN A 44 -31.28 -14.44 -15.97
CA GLN A 44 -31.97 -15.40 -16.83
C GLN A 44 -33.31 -14.86 -17.33
N GLN A 45 -34.27 -14.70 -16.43
CA GLN A 45 -35.54 -14.05 -16.74
C GLN A 45 -35.46 -12.59 -16.33
N PHE A 46 -36.10 -11.72 -17.13
CA PHE A 46 -36.08 -10.29 -16.83
C PHE A 46 -37.36 -9.68 -17.38
N ASP A 47 -38.25 -9.25 -16.49
CA ASP A 47 -39.55 -8.71 -16.88
C ASP A 47 -39.93 -7.61 -15.88
N LEU A 48 -39.72 -6.36 -16.27
CA LEU A 48 -39.97 -5.22 -15.40
C LEU A 48 -40.91 -4.24 -16.10
N GLU A 49 -41.34 -3.24 -15.33
CA GLU A 49 -42.13 -2.14 -15.88
C GLU A 49 -41.24 -1.25 -16.75
N PRO A 50 -41.51 -1.16 -18.05
CA PRO A 50 -40.67 -0.31 -18.91
C PRO A 50 -40.98 1.16 -18.76
N SER A 51 -39.98 1.98 -19.08
CA SER A 51 -40.07 3.43 -18.97
C SER A 51 -38.90 4.10 -19.67
N GLU A 52 -39.17 5.14 -20.45
CA GLU A 52 -38.11 5.82 -21.20
C GLU A 52 -37.13 6.46 -20.23
N GLY A 53 -35.92 5.91 -20.17
CA GLY A 53 -34.95 6.32 -19.18
C GLY A 53 -35.14 5.73 -17.81
N CYS A 54 -35.99 4.71 -17.69
CA CYS A 54 -36.24 3.98 -16.44
C CYS A 54 -36.48 4.93 -15.26
N PHE A 55 -37.52 5.76 -15.41
CA PHE A 55 -37.96 6.61 -14.31
C PHE A 55 -38.80 5.83 -13.32
N TYR A 56 -39.75 5.03 -13.82
CA TYR A 56 -40.69 4.30 -12.98
C TYR A 56 -40.04 3.22 -12.13
N ASP A 57 -39.61 2.12 -12.75
CA ASP A 57 -39.01 0.97 -12.09
C ASP A 57 -37.62 0.70 -12.67
N TYR A 58 -36.76 0.08 -11.87
CA TYR A 58 -35.44 -0.24 -12.39
C TYR A 58 -34.71 -1.19 -11.45
N VAL A 59 -33.67 -1.82 -12.00
CA VAL A 59 -32.67 -2.57 -11.26
C VAL A 59 -31.35 -1.82 -11.39
N LYS A 60 -30.80 -1.39 -10.26
CA LYS A 60 -29.54 -0.64 -10.20
C LYS A 60 -28.46 -1.56 -9.65
N ILE A 61 -27.51 -1.96 -10.50
CA ILE A 61 -26.37 -2.75 -10.07
C ILE A 61 -25.13 -1.87 -10.13
N SER A 62 -24.36 -1.88 -9.05
CA SER A 62 -23.20 -1.01 -8.88
C SER A 62 -22.04 -1.81 -8.32
N ALA A 63 -20.85 -1.48 -8.80
CA ALA A 63 -19.60 -2.17 -8.51
C ALA A 63 -18.87 -1.52 -7.34
N ASP A 64 -17.55 -1.72 -7.28
CA ASP A 64 -16.66 -1.15 -6.28
C ASP A 64 -17.02 0.27 -5.86
N LYS A 65 -16.90 1.23 -6.78
CA LYS A 65 -17.22 2.61 -6.46
C LYS A 65 -17.84 3.29 -7.67
N LYS A 66 -18.70 2.57 -8.39
CA LYS A 66 -19.29 3.11 -9.61
C LYS A 66 -20.56 2.33 -9.94
N SER A 67 -21.63 3.04 -10.28
CA SER A 67 -22.85 2.38 -10.75
C SER A 67 -22.62 1.95 -12.20
N LEU A 68 -22.59 0.64 -12.43
CA LEU A 68 -22.38 0.13 -13.78
C LEU A 68 -23.69 0.15 -14.56
N GLY A 69 -24.78 -0.33 -13.95
CA GLY A 69 -26.03 -0.42 -14.67
C GLY A 69 -27.25 0.05 -13.92
N ARG A 70 -28.19 0.67 -14.64
CA ARG A 70 -29.54 0.88 -14.15
C ARG A 70 -30.49 0.54 -15.30
N PHE A 71 -31.18 -0.60 -15.21
CA PHE A 71 -31.81 -1.20 -16.38
C PHE A 71 -33.24 -1.64 -16.03
N CYS A 72 -34.10 -1.60 -17.04
CA CYS A 72 -35.51 -1.91 -16.85
C CYS A 72 -36.10 -2.38 -18.18
N GLY A 73 -37.30 -2.95 -18.11
CA GLY A 73 -37.97 -3.44 -19.29
C GLY A 73 -38.07 -4.95 -19.31
N GLN A 74 -38.43 -5.48 -20.48
CA GLN A 74 -38.62 -6.92 -20.66
C GLN A 74 -37.50 -7.51 -21.51
N LEU A 75 -37.33 -8.82 -21.36
CA LEU A 75 -36.25 -9.56 -22.02
C LEU A 75 -36.12 -9.24 -23.50
N GLY A 76 -37.23 -9.26 -24.23
CA GLY A 76 -37.17 -9.10 -25.67
C GLY A 76 -37.53 -7.76 -26.25
N SER A 77 -38.35 -7.00 -25.54
CA SER A 77 -39.01 -5.84 -26.13
C SER A 77 -38.03 -4.67 -26.26
N PRO A 78 -38.10 -3.93 -27.38
CA PRO A 78 -37.22 -2.77 -27.56
C PRO A 78 -37.65 -1.52 -26.83
N LEU A 79 -38.53 -1.65 -25.83
CA LEU A 79 -39.01 -0.47 -25.09
C LEU A 79 -37.91 0.19 -24.27
N GLY A 80 -36.73 -0.40 -24.19
CA GLY A 80 -35.47 0.12 -23.69
C GLY A 80 -34.82 -0.54 -22.48
N ASN A 81 -33.49 -0.58 -22.53
CA ASN A 81 -32.66 -0.91 -21.39
C ASN A 81 -32.87 -2.24 -20.64
N PRO A 82 -32.93 -3.39 -21.34
CA PRO A 82 -32.85 -4.68 -20.62
C PRO A 82 -31.43 -5.21 -20.65
N PRO A 83 -30.94 -5.82 -19.56
CA PRO A 83 -29.65 -6.52 -19.67
C PRO A 83 -29.76 -7.81 -20.47
N GLY A 84 -30.85 -8.55 -20.26
CA GLY A 84 -31.08 -9.80 -20.96
C GLY A 84 -30.29 -10.94 -20.35
N LYS A 85 -28.99 -11.04 -20.70
CA LYS A 85 -28.11 -12.03 -20.10
C LYS A 85 -26.69 -11.52 -19.90
N LYS A 86 -26.44 -10.22 -20.00
CA LYS A 86 -25.08 -9.74 -20.16
C LYS A 86 -24.26 -9.87 -18.88
N GLU A 87 -22.94 -10.04 -19.05
CA GLU A 87 -22.03 -10.22 -17.94
C GLU A 87 -21.82 -8.92 -17.19
N PHE A 88 -21.86 -8.98 -15.87
CA PHE A 88 -21.63 -7.82 -15.01
C PHE A 88 -20.63 -8.19 -13.91
N MET A 89 -19.35 -7.89 -14.17
CA MET A 89 -18.25 -8.27 -13.29
C MET A 89 -17.85 -7.11 -12.39
N SER A 90 -17.53 -7.42 -11.14
CA SER A 90 -16.94 -6.45 -10.24
C SER A 90 -15.42 -6.54 -10.28
N GLN A 91 -14.77 -5.59 -9.59
CA GLN A 91 -13.32 -5.59 -9.46
C GLN A 91 -12.89 -6.16 -8.11
N GLY A 92 -13.38 -5.57 -7.03
CA GLY A 92 -13.19 -6.10 -5.70
C GLY A 92 -14.05 -7.33 -5.44
N ASN A 93 -14.43 -7.54 -4.18
CA ASN A 93 -15.16 -8.73 -3.77
C ASN A 93 -16.62 -8.44 -3.42
N LYS A 94 -17.15 -7.28 -3.80
CA LYS A 94 -18.49 -6.88 -3.38
C LYS A 94 -19.24 -6.29 -4.56
N MET A 95 -20.51 -6.67 -4.69
CA MET A 95 -21.37 -6.22 -5.78
C MET A 95 -22.72 -5.80 -5.21
N LEU A 96 -23.04 -4.51 -5.30
CA LEU A 96 -24.27 -4.00 -4.71
C LEU A 96 -25.40 -3.99 -5.74
N LEU A 97 -26.49 -4.68 -5.43
CA LEU A 97 -27.69 -4.74 -6.27
C LEU A 97 -28.84 -4.02 -5.56
N THR A 98 -29.68 -3.36 -6.36
CA THR A 98 -30.85 -2.64 -5.85
C THR A 98 -32.01 -2.82 -6.81
N PHE A 99 -33.23 -2.87 -6.27
CA PHE A 99 -34.44 -3.05 -7.05
C PHE A 99 -35.49 -2.05 -6.59
N HIS A 100 -35.90 -1.15 -7.50
CA HIS A 100 -36.82 -0.07 -7.20
C HIS A 100 -38.07 -0.14 -8.07
N THR A 101 -39.20 0.26 -7.47
CA THR A 101 -40.53 0.12 -8.07
C THR A 101 -41.46 1.12 -7.42
N ASP A 102 -42.02 2.03 -8.22
CA ASP A 102 -42.98 3.03 -7.74
C ASP A 102 -44.39 2.43 -7.54
N PHE A 103 -45.35 3.31 -7.25
CA PHE A 103 -46.71 2.89 -6.90
C PHE A 103 -47.49 2.29 -8.07
N SER A 104 -47.20 2.67 -9.30
CA SER A 104 -48.08 2.32 -10.43
C SER A 104 -47.32 1.42 -11.39
N ASN A 105 -47.77 0.16 -11.48
CA ASN A 105 -47.28 -0.83 -12.43
C ASN A 105 -48.29 -1.12 -13.53
N GLU A 106 -49.34 -0.30 -13.67
CA GLU A 106 -50.52 -0.64 -14.45
C GLU A 106 -50.69 0.51 -15.43
N GLU A 107 -50.14 0.37 -16.62
CA GLU A 107 -50.04 1.48 -17.56
C GLU A 107 -51.15 1.42 -18.60
N ASN A 108 -51.48 2.62 -19.13
CA ASN A 108 -52.71 2.94 -19.86
C ASN A 108 -53.88 3.04 -18.88
N GLY A 109 -53.64 2.62 -17.65
CA GLY A 109 -54.63 2.65 -16.61
C GLY A 109 -55.43 1.37 -16.50
N THR A 110 -54.85 0.24 -16.90
CA THR A 110 -55.41 -1.07 -16.62
C THR A 110 -54.29 -1.99 -16.15
N ILE A 111 -54.66 -3.00 -15.37
CA ILE A 111 -53.70 -3.82 -14.64
C ILE A 111 -52.73 -4.55 -15.57
N MET A 112 -51.47 -4.64 -15.14
CA MET A 112 -50.44 -5.43 -15.82
C MET A 112 -49.66 -6.20 -14.77
N PHE A 113 -49.22 -7.41 -15.13
CA PHE A 113 -48.58 -8.35 -14.21
C PHE A 113 -47.14 -8.62 -14.64
N TYR A 114 -46.18 -8.13 -13.86
CA TYR A 114 -44.75 -8.24 -14.14
C TYR A 114 -44.08 -9.15 -13.12
N LYS A 115 -43.39 -10.20 -13.61
CA LYS A 115 -42.85 -11.23 -12.72
C LYS A 115 -41.65 -10.74 -11.91
N GLY A 116 -40.54 -10.40 -12.59
CA GLY A 116 -39.33 -9.99 -11.90
C GLY A 116 -38.03 -10.36 -12.59
N PHE A 117 -37.10 -11.02 -11.89
CA PHE A 117 -35.83 -11.39 -12.50
C PHE A 117 -35.17 -12.53 -11.74
N LEU A 118 -34.29 -13.25 -12.45
CA LEU A 118 -33.46 -14.33 -11.91
C LEU A 118 -31.99 -13.99 -12.13
N ALA A 119 -31.31 -13.52 -11.08
CA ALA A 119 -29.89 -13.23 -11.13
C ALA A 119 -29.07 -14.42 -10.61
N TYR A 120 -28.15 -14.92 -11.44
CA TYR A 120 -27.16 -15.92 -11.03
C TYR A 120 -25.80 -15.25 -10.97
N TYR A 121 -25.04 -15.51 -9.90
CA TYR A 121 -23.71 -14.94 -9.76
C TYR A 121 -22.68 -16.02 -9.44
N GLN A 122 -21.57 -15.98 -10.20
CA GLN A 122 -20.36 -16.76 -9.98
C GLN A 122 -19.30 -15.89 -9.30
N ALA A 123 -18.47 -16.52 -8.48
CA ALA A 123 -17.19 -15.94 -8.13
C ALA A 123 -16.15 -16.25 -9.20
N VAL A 124 -15.10 -15.42 -9.25
CA VAL A 124 -13.99 -15.59 -10.17
C VAL A 124 -12.72 -15.21 -9.43
N ASP A 125 -11.58 -15.73 -9.87
CA ASP A 125 -10.30 -15.31 -9.33
C ASP A 125 -9.77 -14.10 -10.10
N LEU A 126 -9.11 -13.19 -9.39
CA LEU A 126 -8.51 -12.01 -10.00
C LEU A 126 -7.00 -12.21 -10.17
N ASP A 127 -6.45 -11.55 -11.18
CA ASP A 127 -5.03 -11.62 -11.51
C ASP A 127 -4.31 -10.49 -10.79
N GLU A 128 -3.75 -10.80 -9.62
CA GLU A 128 -3.09 -9.78 -8.81
C GLU A 128 -1.89 -9.18 -9.54
N CYS A 129 -1.13 -10.02 -10.24
CA CYS A 129 0.02 -9.55 -11.00
C CYS A 129 -0.37 -8.49 -12.02
N ALA A 130 -1.34 -8.82 -12.89
CA ALA A 130 -1.73 -8.01 -14.03
C ALA A 130 -2.34 -6.67 -13.64
N SER A 131 -2.60 -6.42 -12.36
CA SER A 131 -3.15 -5.13 -11.95
C SER A 131 -2.22 -3.99 -12.40
N ARG A 132 -0.96 -4.03 -11.98
CA ARG A 132 0.08 -3.11 -12.43
C ARG A 132 -0.11 -1.64 -12.10
N SER A 133 -0.27 -1.32 -10.82
CA SER A 133 -0.18 0.07 -10.36
C SER A 133 1.23 0.16 -9.80
N LYS A 134 2.17 0.62 -10.63
CA LYS A 134 3.59 0.58 -10.26
C LYS A 134 3.91 1.49 -9.09
N SER A 135 3.18 2.59 -8.95
CA SER A 135 3.40 3.52 -7.86
C SER A 135 2.07 3.90 -7.27
N GLY A 136 2.09 4.25 -5.98
CA GLY A 136 0.89 4.34 -5.19
C GLY A 136 0.58 3.05 -4.49
N GLU A 137 1.61 2.21 -4.23
CA GLU A 137 1.53 1.02 -3.39
C GLU A 137 2.69 1.05 -2.38
N GLU A 138 2.51 1.79 -1.29
CA GLU A 138 3.44 1.71 -0.16
C GLU A 138 2.89 0.96 1.03
N ASP A 139 1.57 1.01 1.27
CA ASP A 139 1.00 0.19 2.35
C ASP A 139 1.14 -1.28 1.98
N PRO A 140 0.53 -1.78 0.91
CA PRO A 140 0.88 -3.12 0.42
C PRO A 140 1.98 -3.02 -0.62
N GLN A 141 2.59 -4.17 -0.90
CA GLN A 141 3.48 -4.34 -2.05
C GLN A 141 2.94 -5.51 -2.85
N PRO A 142 1.78 -5.34 -3.50
CA PRO A 142 1.13 -6.46 -4.19
C PRO A 142 1.81 -6.86 -5.49
N GLN A 143 2.88 -6.19 -5.92
CA GLN A 143 3.57 -6.63 -7.12
C GLN A 143 5.02 -6.98 -6.79
N CYS A 144 5.53 -7.94 -7.53
CA CYS A 144 6.82 -8.58 -7.26
C CYS A 144 7.90 -8.09 -8.21
N GLN A 145 9.15 -8.26 -7.76
CA GLN A 145 10.27 -7.66 -8.49
C GLN A 145 10.59 -8.47 -9.75
N HIS A 146 10.73 -9.80 -9.61
CA HIS A 146 11.08 -10.66 -10.73
C HIS A 146 9.86 -11.36 -11.30
N LEU A 147 9.14 -12.15 -10.50
CA LEU A 147 7.83 -12.56 -10.98
C LEU A 147 6.95 -12.98 -9.81
N CYS A 148 5.67 -12.70 -9.96
CA CYS A 148 4.60 -13.26 -9.14
C CYS A 148 3.85 -14.29 -9.97
N HIS A 149 2.89 -14.96 -9.33
CA HIS A 149 2.10 -16.00 -9.98
C HIS A 149 0.62 -15.73 -9.71
N ASN A 150 -0.21 -15.97 -10.73
CA ASN A 150 -1.66 -15.88 -10.59
C ASN A 150 -2.24 -17.28 -10.42
N TYR A 151 -2.85 -17.53 -9.28
CA TYR A 151 -3.66 -18.73 -9.06
C TYR A 151 -4.92 -18.34 -8.30
N VAL A 152 -5.82 -19.31 -8.15
CA VAL A 152 -7.13 -19.01 -7.57
C VAL A 152 -6.98 -18.58 -6.12
N GLY A 153 -7.68 -17.52 -5.75
CA GLY A 153 -7.66 -17.01 -4.39
C GLY A 153 -6.50 -16.09 -4.08
N GLY A 154 -5.31 -16.66 -3.88
CA GLY A 154 -4.15 -15.91 -3.50
C GLY A 154 -3.13 -15.78 -4.62
N TYR A 155 -1.93 -15.35 -4.25
CA TYR A 155 -0.82 -15.28 -5.17
C TYR A 155 0.48 -15.45 -4.40
N PHE A 156 1.47 -16.08 -5.05
CA PHE A 156 2.79 -16.28 -4.47
C PHE A 156 3.85 -15.86 -5.48
N CYS A 157 5.08 -15.67 -4.98
CA CYS A 157 6.13 -15.00 -5.72
C CYS A 157 7.36 -15.88 -5.89
N SER A 158 8.14 -15.57 -6.93
CA SER A 158 9.40 -16.25 -7.16
C SER A 158 10.40 -15.35 -7.88
N CYS A 159 11.65 -15.77 -7.80
CA CYS A 159 12.84 -15.03 -8.19
C CYS A 159 13.47 -15.64 -9.44
N ARG A 160 14.27 -14.81 -10.12
CA ARG A 160 14.97 -15.22 -11.33
C ARG A 160 16.10 -16.19 -11.00
N PRO A 161 16.54 -17.00 -11.98
CA PRO A 161 17.67 -17.92 -11.77
C PRO A 161 18.83 -17.37 -10.94
N GLY A 162 19.15 -18.06 -9.85
CA GLY A 162 20.28 -17.76 -9.00
C GLY A 162 20.01 -16.77 -7.88
N TYR A 163 18.74 -16.48 -7.59
CA TYR A 163 18.38 -15.62 -6.49
C TYR A 163 17.52 -16.36 -5.47
N GLU A 164 17.57 -15.89 -4.22
CA GLU A 164 16.80 -16.42 -3.10
C GLU A 164 15.66 -15.47 -2.75
N LEU A 165 14.52 -16.02 -2.36
CA LEU A 165 13.39 -15.23 -1.90
C LEU A 165 13.54 -14.93 -0.41
N GLN A 166 13.49 -13.64 -0.06
CA GLN A 166 13.60 -13.24 1.34
C GLN A 166 12.22 -13.20 2.01
N GLU A 167 12.25 -12.97 3.33
CA GLU A 167 11.12 -13.26 4.21
C GLU A 167 9.79 -12.70 3.72
N ASP A 168 9.77 -11.46 3.23
CA ASP A 168 8.52 -10.81 2.82
C ASP A 168 7.80 -11.53 1.68
N THR A 169 8.45 -12.50 1.02
CA THR A 169 7.89 -13.17 -0.15
C THR A 169 7.48 -12.18 -1.23
N HIS A 170 8.21 -11.07 -1.34
CA HIS A 170 8.01 -10.09 -2.39
C HIS A 170 9.29 -9.69 -3.10
N SER A 171 10.43 -9.74 -2.40
CA SER A 171 11.70 -9.33 -2.95
C SER A 171 12.72 -10.47 -2.84
N CYS A 172 13.84 -10.32 -3.55
CA CYS A 172 14.84 -11.38 -3.68
C CYS A 172 16.24 -10.86 -3.43
N GLN A 173 17.05 -11.70 -2.77
CA GLN A 173 18.48 -11.52 -2.58
C GLN A 173 19.22 -12.44 -3.56
N ALA A 174 20.55 -12.34 -3.56
CA ALA A 174 21.38 -13.29 -4.30
C ALA A 174 21.71 -14.48 -3.40
N GLU A 175 21.75 -15.67 -3.98
CA GLU A 175 22.28 -16.82 -3.24
C GLU A 175 23.80 -16.81 -3.30
N CYS A 176 24.34 -17.07 -4.50
CA CYS A 176 25.76 -16.88 -4.83
C CYS A 176 26.68 -17.34 -3.70
N SER A 177 26.44 -18.55 -3.19
CA SER A 177 27.35 -19.14 -2.22
C SER A 177 28.01 -20.41 -2.74
N SER A 178 27.23 -21.44 -3.07
CA SER A 178 27.76 -22.70 -3.59
C SER A 178 27.53 -22.77 -5.10
N GLU A 179 28.22 -21.88 -5.84
CA GLU A 179 28.13 -21.87 -7.30
C GLU A 179 29.20 -22.82 -7.83
N LEU A 180 28.76 -24.00 -8.26
CA LEU A 180 29.66 -25.08 -8.64
C LEU A 180 29.94 -25.09 -10.14
N TYR A 181 31.11 -25.59 -10.51
CA TYR A 181 31.51 -25.74 -11.91
C TYR A 181 32.40 -26.97 -12.02
N THR A 182 31.89 -28.03 -12.65
CA THR A 182 32.65 -29.27 -12.83
C THR A 182 32.89 -29.62 -14.29
N GLU A 183 32.37 -28.85 -15.24
CA GLU A 183 32.51 -29.18 -16.64
C GLU A 183 33.91 -28.84 -17.14
N ALA A 184 34.22 -29.32 -18.35
CA ALA A 184 35.55 -29.16 -18.92
C ALA A 184 35.93 -27.70 -19.13
N SER A 185 35.25 -27.02 -20.05
CA SER A 185 35.43 -25.59 -20.26
C SER A 185 34.37 -24.85 -19.43
N GLY A 186 34.22 -23.56 -19.67
CA GLY A 186 33.03 -22.89 -19.17
C GLY A 186 33.24 -21.40 -19.01
N TYR A 187 32.12 -20.73 -18.70
CA TYR A 187 32.07 -19.29 -18.49
C TYR A 187 31.58 -19.00 -17.07
N ILE A 188 32.25 -18.07 -16.39
CA ILE A 188 31.82 -17.59 -15.09
C ILE A 188 31.74 -16.07 -15.12
N SER A 189 30.60 -15.53 -14.70
CA SER A 189 30.38 -14.09 -14.73
C SER A 189 29.71 -13.64 -13.45
N SER A 190 30.06 -12.42 -13.01
CA SER A 190 29.39 -11.83 -11.87
C SER A 190 27.90 -11.68 -12.16
N LEU A 191 27.10 -11.72 -11.10
CA LEU A 191 25.65 -11.77 -11.25
C LEU A 191 25.12 -10.55 -11.99
N GLU A 192 24.37 -10.80 -13.07
CA GLU A 192 23.76 -9.77 -13.91
C GLU A 192 24.80 -8.83 -14.50
N TYR A 193 25.57 -9.38 -15.46
CA TYR A 193 26.68 -8.83 -16.20
C TYR A 193 26.26 -8.54 -17.64
N PRO A 194 26.65 -7.39 -18.22
CA PRO A 194 27.52 -6.36 -17.64
C PRO A 194 26.78 -5.24 -16.93
N ARG A 195 25.61 -5.53 -16.35
CA ARG A 195 24.95 -4.58 -15.48
C ARG A 195 25.68 -4.53 -14.13
N SER A 196 25.30 -3.57 -13.30
CA SER A 196 25.98 -3.39 -12.02
C SER A 196 25.74 -4.59 -11.10
N TYR A 197 26.77 -4.95 -10.33
CA TYR A 197 26.66 -6.11 -9.46
C TYR A 197 25.93 -5.76 -8.16
N PRO A 198 25.18 -6.69 -7.60
CA PRO A 198 24.51 -6.43 -6.33
C PRO A 198 25.51 -6.20 -5.23
N PRO A 199 25.13 -5.46 -4.20
CA PRO A 199 26.01 -5.25 -3.05
C PRO A 199 25.75 -6.27 -1.95
N ASP A 200 26.70 -6.33 -0.99
CA ASP A 200 26.59 -7.17 0.20
C ASP A 200 26.54 -8.66 -0.15
N LEU A 201 27.63 -9.15 -0.74
CA LEU A 201 27.69 -10.51 -1.26
C LEU A 201 28.90 -11.24 -0.68
N ARG A 202 28.76 -12.58 -0.56
CA ARG A 202 29.85 -13.48 -0.17
C ARG A 202 29.84 -14.65 -1.15
N CYS A 203 30.46 -14.48 -2.31
CA CYS A 203 30.39 -15.49 -3.36
C CYS A 203 31.59 -16.42 -3.35
N ASN A 204 31.32 -17.72 -3.57
CA ASN A 204 32.33 -18.78 -3.68
C ASN A 204 32.07 -19.51 -5.00
N TYR A 205 32.57 -18.94 -6.10
CA TYR A 205 32.51 -19.60 -7.41
C TYR A 205 33.56 -20.71 -7.46
N SER A 206 33.14 -21.95 -7.21
CA SER A 206 34.04 -23.08 -7.05
C SER A 206 34.11 -23.89 -8.35
N ILE A 207 35.34 -24.10 -8.84
CA ILE A 207 35.61 -24.98 -9.98
C ILE A 207 36.36 -26.21 -9.48
N ARG A 208 35.82 -27.40 -9.80
CA ARG A 208 36.40 -28.69 -9.41
C ARG A 208 36.38 -29.61 -10.63
N VAL A 209 37.48 -29.69 -11.36
CA VAL A 209 37.57 -30.57 -12.52
C VAL A 209 38.21 -31.90 -12.12
N GLU A 210 38.05 -32.90 -12.97
CA GLU A 210 38.64 -34.21 -12.75
C GLU A 210 40.16 -34.12 -12.60
N ARG A 211 40.68 -34.76 -11.56
CA ARG A 211 42.11 -34.65 -11.25
C ARG A 211 42.96 -35.17 -12.41
N GLY A 212 44.10 -34.52 -12.62
CA GLY A 212 44.93 -34.76 -13.78
C GLY A 212 44.74 -33.76 -14.90
N LEU A 213 44.16 -32.59 -14.61
CA LEU A 213 44.05 -31.50 -15.56
C LEU A 213 44.53 -30.21 -14.89
N THR A 214 44.87 -29.23 -15.72
CA THR A 214 45.28 -27.91 -15.26
C THR A 214 44.34 -26.86 -15.83
N LEU A 215 44.01 -25.86 -15.01
CA LEU A 215 43.03 -24.85 -15.38
C LEU A 215 43.70 -23.60 -15.94
N HIS A 216 43.04 -23.00 -16.93
CA HIS A 216 43.50 -21.81 -17.64
C HIS A 216 42.38 -20.78 -17.54
N LEU A 217 42.62 -19.70 -16.79
CA LEU A 217 41.62 -18.65 -16.59
C LEU A 217 41.94 -17.47 -17.50
N LYS A 218 40.99 -17.11 -18.35
CA LYS A 218 41.14 -15.98 -19.27
C LYS A 218 40.03 -14.97 -18.98
N PHE A 219 40.41 -13.83 -18.41
CA PHE A 219 39.46 -12.77 -18.13
C PHE A 219 39.10 -12.02 -19.41
N LEU A 220 37.83 -11.66 -19.53
CA LEU A 220 37.31 -10.92 -20.67
C LEU A 220 37.16 -9.44 -20.32
N GLU A 221 37.07 -8.64 -21.36
CA GLU A 221 36.68 -7.25 -21.18
C GLU A 221 35.19 -7.09 -21.41
N PRO A 222 34.48 -6.28 -20.61
CA PRO A 222 35.01 -5.40 -19.56
C PRO A 222 35.29 -6.07 -18.20
N PHE A 223 36.08 -5.38 -17.39
CA PHE A 223 36.41 -5.80 -16.03
C PHE A 223 36.37 -4.53 -15.18
N ASP A 224 35.28 -4.33 -14.45
CA ASP A 224 35.00 -3.06 -13.78
C ASP A 224 34.58 -3.34 -12.34
N ILE A 225 35.43 -2.96 -11.40
CA ILE A 225 35.17 -3.10 -9.96
C ILE A 225 35.66 -1.84 -9.26
N ASP A 226 34.92 -1.39 -8.25
CA ASP A 226 35.30 -0.21 -7.48
C ASP A 226 36.66 -0.38 -6.83
N ASP A 227 37.65 0.37 -7.30
CA ASP A 227 39.02 0.33 -6.81
C ASP A 227 39.42 1.71 -6.27
N HIS A 228 40.69 1.82 -5.88
CA HIS A 228 41.24 3.07 -5.39
C HIS A 228 42.74 3.05 -5.61
N GLN A 229 43.28 4.16 -6.14
CA GLN A 229 44.69 4.20 -6.50
C GLN A 229 45.63 4.24 -5.31
N GLN A 230 45.16 4.63 -4.13
CA GLN A 230 46.04 4.67 -2.97
C GLN A 230 46.24 3.28 -2.38
N VAL A 231 45.15 2.65 -1.96
CA VAL A 231 45.15 1.28 -1.48
C VAL A 231 44.14 0.51 -2.31
N HIS A 232 44.56 -0.61 -2.88
CA HIS A 232 43.71 -1.32 -3.83
C HIS A 232 42.73 -2.25 -3.12
N CYS A 233 41.48 -2.22 -3.60
CA CYS A 233 40.33 -2.99 -3.18
C CYS A 233 39.95 -2.71 -1.73
N PRO A 234 39.57 -1.45 -1.40
CA PRO A 234 39.05 -1.18 -0.05
C PRO A 234 37.57 -1.50 0.10
N TYR A 235 36.78 -1.22 -0.94
CA TYR A 235 35.34 -1.46 -0.89
C TYR A 235 35.00 -2.85 -1.39
N ASP A 236 35.35 -3.14 -2.65
CA ASP A 236 35.06 -4.41 -3.30
C ASP A 236 36.34 -5.19 -3.49
N GLN A 237 36.24 -6.51 -3.33
CA GLN A 237 37.38 -7.40 -3.54
C GLN A 237 36.95 -8.60 -4.36
N LEU A 238 37.82 -9.04 -5.27
CA LEU A 238 37.67 -10.31 -5.98
C LEU A 238 38.93 -11.14 -5.71
N GLN A 239 38.89 -11.91 -4.63
CA GLN A 239 39.97 -12.81 -4.30
C GLN A 239 39.90 -14.07 -5.15
N ILE A 240 41.07 -14.62 -5.46
CA ILE A 240 41.16 -15.90 -6.16
C ILE A 240 42.00 -16.85 -5.33
N TYR A 241 41.42 -17.98 -4.95
CA TYR A 241 42.11 -19.08 -4.30
C TYR A 241 42.39 -20.14 -5.35
N ALA A 242 43.63 -20.64 -5.36
CA ALA A 242 44.00 -21.77 -6.20
C ALA A 242 44.67 -22.83 -5.36
N ASN A 243 44.23 -24.07 -5.50
CA ASN A 243 44.88 -25.22 -4.87
C ASN A 243 44.98 -25.04 -3.35
N GLY A 244 43.97 -24.39 -2.76
CA GLY A 244 43.92 -24.14 -1.34
C GLY A 244 44.43 -22.78 -0.89
N LYS A 245 45.29 -22.13 -1.68
CA LYS A 245 45.93 -20.88 -1.27
C LYS A 245 45.51 -19.72 -2.17
N ASN A 246 45.39 -18.54 -1.57
CA ASN A 246 45.17 -17.30 -2.31
C ASN A 246 46.25 -17.07 -3.34
N ILE A 247 45.85 -16.56 -4.51
CA ILE A 247 46.80 -16.24 -5.58
C ILE A 247 46.54 -14.84 -6.13
N GLY A 248 45.81 -14.01 -5.41
CA GLY A 248 45.57 -12.66 -5.88
C GLY A 248 44.20 -12.09 -5.58
N GLU A 249 44.18 -10.88 -5.01
CA GLU A 249 42.95 -10.13 -4.71
C GLU A 249 42.85 -8.98 -5.70
N PHE A 250 41.91 -9.09 -6.64
CA PHE A 250 41.84 -8.18 -7.77
C PHE A 250 40.64 -7.24 -7.69
N CYS A 251 40.82 -6.05 -8.25
CA CYS A 251 39.80 -5.04 -8.48
C CYS A 251 40.41 -3.96 -9.37
N GLY A 252 39.56 -3.26 -10.11
CA GLY A 252 40.04 -2.18 -10.96
C GLY A 252 39.37 -2.10 -12.32
N LYS A 253 40.09 -1.54 -13.30
CA LYS A 253 39.53 -1.27 -14.62
C LYS A 253 40.17 -2.08 -15.73
N GLN A 254 41.51 -2.21 -15.75
CA GLN A 254 42.14 -3.12 -16.68
C GLN A 254 42.10 -4.55 -16.14
N ARG A 255 41.83 -5.50 -17.03
CA ARG A 255 41.64 -6.89 -16.63
C ARG A 255 42.93 -7.49 -16.07
N PRO A 256 42.82 -8.39 -15.10
CA PRO A 256 43.99 -9.10 -14.57
C PRO A 256 44.60 -9.99 -15.64
N PRO A 257 45.84 -10.46 -15.43
CA PRO A 257 46.48 -11.29 -16.46
C PRO A 257 45.80 -12.64 -16.61
N ASP A 258 45.88 -13.19 -17.82
CA ASP A 258 45.49 -14.57 -18.05
C ASP A 258 46.30 -15.48 -17.14
N LEU A 259 45.61 -16.26 -16.32
CA LEU A 259 46.25 -17.08 -15.29
C LEU A 259 46.30 -18.53 -15.70
N ASP A 260 47.43 -19.17 -15.41
CA ASP A 260 47.59 -20.62 -15.52
C ASP A 260 47.84 -21.16 -14.13
N THR A 261 47.04 -22.13 -13.72
CA THR A 261 46.94 -22.51 -12.32
C THR A 261 47.83 -23.68 -11.92
N SER A 262 47.93 -24.71 -12.76
CA SER A 262 48.53 -25.99 -12.40
C SER A 262 47.73 -26.65 -11.28
N SER A 263 46.41 -26.51 -11.34
CA SER A 263 45.51 -27.02 -10.31
C SER A 263 44.23 -27.53 -10.94
N ASN A 264 43.61 -28.50 -10.27
CA ASN A 264 42.30 -29.01 -10.66
C ASN A 264 41.17 -28.44 -9.81
N ALA A 265 41.47 -27.53 -8.88
CA ALA A 265 40.47 -26.99 -7.97
C ALA A 265 40.77 -25.52 -7.71
N VAL A 266 39.92 -24.63 -8.21
CA VAL A 266 40.05 -23.20 -7.92
C VAL A 266 38.76 -22.71 -7.28
N ASP A 267 38.87 -21.62 -6.53
CA ASP A 267 37.72 -20.96 -5.91
C ASP A 267 37.87 -19.46 -6.09
N LEU A 268 36.94 -18.83 -6.81
CA LEU A 268 36.90 -17.38 -6.90
C LEU A 268 35.94 -16.83 -5.85
N LEU A 269 36.49 -16.10 -4.88
CA LEU A 269 35.69 -15.48 -3.82
C LEU A 269 35.42 -14.02 -4.18
N PHE A 270 34.17 -13.61 -4.04
CA PHE A 270 33.73 -12.29 -4.46
C PHE A 270 33.06 -11.59 -3.28
N PHE A 271 33.66 -10.49 -2.83
CA PHE A 271 33.15 -9.68 -1.72
C PHE A 271 32.76 -8.30 -2.25
N THR A 272 31.50 -7.93 -2.06
CA THR A 272 31.01 -6.63 -2.52
C THR A 272 30.74 -5.70 -1.34
N ASP A 273 30.67 -4.41 -1.67
CA ASP A 273 30.43 -3.35 -0.70
C ASP A 273 28.92 -3.14 -0.59
N GLU A 274 28.48 -1.99 -0.08
CA GLU A 274 27.06 -1.67 0.04
C GLU A 274 26.63 -0.60 -0.96
N SER A 275 27.12 -0.71 -2.20
CA SER A 275 26.66 0.10 -3.32
C SER A 275 27.17 -0.53 -4.60
N GLY A 276 26.41 -0.32 -5.68
CA GLY A 276 26.85 -0.85 -6.96
C GLY A 276 26.91 0.22 -8.04
N ASP A 277 28.13 0.65 -8.37
CA ASP A 277 28.38 1.57 -9.48
C ASP A 277 29.03 0.85 -10.65
N SER A 278 30.09 0.09 -10.38
CA SER A 278 30.84 -0.64 -11.39
C SER A 278 30.03 -1.83 -11.91
N ARG A 279 30.54 -2.41 -12.99
CA ARG A 279 29.82 -3.39 -13.79
C ARG A 279 30.08 -4.83 -13.34
N GLY A 280 31.32 -5.28 -13.37
CA GLY A 280 31.61 -6.62 -12.92
C GLY A 280 32.74 -7.23 -13.73
N TRP A 281 32.65 -8.54 -13.95
CA TRP A 281 33.72 -9.33 -14.56
C TRP A 281 33.13 -10.58 -15.20
N LYS A 282 33.88 -11.14 -16.16
CA LYS A 282 33.52 -12.38 -16.84
C LYS A 282 34.79 -13.09 -17.28
N LEU A 283 34.78 -14.43 -17.23
CA LEU A 283 35.96 -15.22 -17.51
C LEU A 283 35.59 -16.52 -18.21
N ARG A 284 36.50 -16.97 -19.08
CA ARG A 284 36.47 -18.31 -19.67
C ARG A 284 37.51 -19.17 -18.96
N TYR A 285 37.08 -20.31 -18.43
CA TYR A 285 38.00 -21.28 -17.84
C TYR A 285 38.09 -22.51 -18.74
N THR A 286 39.32 -22.90 -19.07
CA THR A 286 39.60 -24.02 -19.97
C THR A 286 40.53 -25.00 -19.29
N THR A 287 40.54 -26.24 -19.80
CA THR A 287 41.30 -27.33 -19.19
C THR A 287 42.37 -27.86 -20.14
N GLU A 288 43.54 -28.20 -19.58
CA GLU A 288 44.62 -28.85 -20.31
C GLU A 288 45.03 -30.11 -19.55
N ILE A 289 45.82 -30.96 -20.20
CA ILE A 289 46.10 -32.30 -19.72
C ILE A 289 47.58 -32.41 -19.31
N ILE A 290 47.90 -33.48 -18.58
CA ILE A 290 49.26 -33.85 -18.23
C ILE A 290 49.48 -35.30 -18.66
N LYS A 291 50.72 -35.77 -18.52
CA LYS A 291 51.06 -37.13 -18.90
C LYS A 291 50.71 -38.12 -17.81
N ILE B 4 14.37 -1.00 21.68
CA ILE B 4 13.67 -0.44 22.82
C ILE B 4 12.19 -0.27 22.48
N PRO B 5 11.31 -0.83 23.32
CA PRO B 5 9.88 -0.70 23.01
C PRO B 5 9.36 0.73 23.15
N GLN B 6 9.76 1.43 24.20
CA GLN B 6 9.19 2.76 24.50
C GLN B 6 10.27 3.61 25.16
N LYS B 7 10.91 4.50 24.39
CA LYS B 7 11.86 5.41 25.00
C LYS B 7 11.94 6.74 24.28
N LEU B 8 11.95 7.82 25.07
CA LEU B 8 12.06 9.18 24.59
C LEU B 8 13.41 9.45 23.91
N PHE B 9 14.50 9.34 24.68
CA PHE B 9 15.81 9.86 24.30
C PHE B 9 16.83 8.77 24.61
N GLY B 10 18.07 8.96 24.18
CA GLY B 10 19.12 8.07 24.68
C GLY B 10 20.48 8.45 24.18
N GLU B 11 21.47 7.80 24.79
CA GLU B 11 22.89 7.96 24.49
C GLU B 11 23.41 6.66 23.87
N VAL B 12 24.19 6.79 22.81
CA VAL B 12 24.91 5.67 22.22
C VAL B 12 26.37 6.07 22.08
N THR B 13 27.26 5.30 22.70
CA THR B 13 28.67 5.64 22.77
C THR B 13 29.53 4.61 22.04
N SER B 14 30.74 5.03 21.71
CA SER B 14 31.78 4.08 21.36
C SER B 14 32.12 3.25 22.58
N PRO B 15 32.61 2.03 22.40
CA PRO B 15 32.97 1.20 23.56
C PRO B 15 34.01 1.89 24.42
N LEU B 16 33.91 1.66 25.73
CA LEU B 16 34.82 2.20 26.74
C LEU B 16 34.82 3.72 26.81
N PHE B 17 33.92 4.40 26.12
CA PHE B 17 33.97 5.86 26.11
C PHE B 17 33.76 6.38 27.54
N PRO B 18 34.59 7.32 28.01
CA PRO B 18 35.57 8.10 27.24
C PRO B 18 36.93 7.45 26.97
N LYS B 19 37.27 6.39 27.70
CA LYS B 19 38.56 5.72 27.50
C LYS B 19 38.72 5.31 26.03
N PRO B 20 39.90 5.51 25.44
CA PRO B 20 40.11 5.13 24.04
C PRO B 20 39.63 3.72 23.69
N TYR B 21 39.17 3.57 22.43
CA TYR B 21 38.46 2.37 22.01
C TYR B 21 39.43 1.26 21.61
N PRO B 22 39.07 0.00 21.87
CA PRO B 22 39.94 -1.12 21.51
C PRO B 22 39.94 -1.39 20.01
N ASN B 23 41.08 -1.87 19.52
CA ASN B 23 41.23 -2.27 18.14
C ASN B 23 40.54 -3.61 17.88
N ASN B 24 40.31 -3.90 16.60
CA ASN B 24 39.70 -5.15 16.15
C ASN B 24 38.30 -5.32 16.75
N PHE B 25 37.41 -4.40 16.37
CA PHE B 25 36.08 -4.35 16.99
C PHE B 25 35.04 -3.83 16.00
N GLU B 26 33.89 -4.50 15.95
CA GLU B 26 32.76 -4.05 15.13
C GLU B 26 31.47 -4.41 15.85
N THR B 27 30.69 -3.41 16.25
CA THR B 27 29.44 -3.63 16.96
C THR B 27 28.30 -2.78 16.37
N THR B 28 27.14 -3.40 16.21
CA THR B 28 25.93 -2.76 15.70
C THR B 28 24.92 -2.58 16.83
N THR B 29 24.61 -1.33 17.16
CA THR B 29 23.56 -0.97 18.10
C THR B 29 22.39 -0.34 17.36
N VAL B 30 21.18 -0.81 17.63
CA VAL B 30 19.99 -0.38 16.90
C VAL B 30 19.08 0.41 17.84
N ILE B 31 18.79 1.66 17.48
CA ILE B 31 17.86 2.52 18.20
C ILE B 31 16.45 2.24 17.71
N THR B 32 15.51 2.13 18.65
CA THR B 32 14.10 1.88 18.34
C THR B 32 13.23 2.77 19.22
N VAL B 33 12.63 3.79 18.61
CA VAL B 33 11.57 4.56 19.26
C VAL B 33 10.25 3.85 18.98
N PRO B 34 9.16 4.15 19.71
CA PRO B 34 7.88 3.48 19.43
C PRO B 34 7.28 3.86 18.08
N THR B 35 6.14 3.25 17.77
CA THR B 35 5.47 3.49 16.49
C THR B 35 5.06 4.95 16.35
N GLY B 36 5.16 5.46 15.13
CA GLY B 36 4.78 6.83 14.83
C GLY B 36 5.75 7.87 15.37
N TYR B 37 7.05 7.57 15.34
CA TYR B 37 8.07 8.53 15.72
C TYR B 37 9.27 8.40 14.79
N ARG B 38 9.95 9.53 14.56
CA ARG B 38 11.22 9.61 13.86
C ARG B 38 12.36 9.65 14.87
N VAL B 39 13.57 9.38 14.38
CA VAL B 39 14.76 9.28 15.22
C VAL B 39 15.77 10.33 14.76
N LYS B 40 15.96 11.37 15.56
CA LYS B 40 16.98 12.39 15.33
C LYS B 40 18.18 12.09 16.20
N LEU B 41 19.39 12.35 15.69
CA LEU B 41 20.58 12.15 16.50
C LEU B 41 21.74 12.96 15.96
N VAL B 42 22.68 13.29 16.85
CA VAL B 42 23.87 14.07 16.53
C VAL B 42 25.04 13.55 17.37
N PHE B 43 26.25 13.96 16.99
CA PHE B 43 27.48 13.58 17.67
C PHE B 43 28.03 14.79 18.42
N GLN B 44 28.33 14.60 19.71
CA GLN B 44 29.02 15.65 20.47
C GLN B 44 30.53 15.60 20.27
N GLN B 45 31.17 14.56 20.79
CA GLN B 45 32.58 14.29 20.56
C GLN B 45 32.73 13.26 19.45
N PHE B 46 33.78 13.42 18.64
CA PHE B 46 34.01 12.49 17.53
C PHE B 46 35.51 12.45 17.25
N ASP B 47 36.14 11.31 17.55
CA ASP B 47 37.60 11.17 17.38
C ASP B 47 37.88 9.73 16.98
N LEU B 48 38.10 9.50 15.68
CA LEU B 48 38.34 8.18 15.13
C LEU B 48 39.65 8.16 14.35
N GLU B 49 40.06 6.96 13.94
CA GLU B 49 41.22 6.81 13.07
C GLU B 49 40.88 7.32 11.68
N PRO B 50 41.52 8.37 11.19
CA PRO B 50 41.20 8.88 9.86
C PRO B 50 41.79 8.01 8.77
N SER B 51 41.13 8.05 7.60
CA SER B 51 41.53 7.27 6.44
C SER B 51 40.79 7.78 5.21
N GLU B 52 41.53 7.99 4.12
CA GLU B 52 40.95 8.53 2.90
C GLU B 52 39.97 7.52 2.32
N GLY B 53 38.68 7.86 2.39
CA GLY B 53 37.61 6.92 2.07
C GLY B 53 37.25 5.96 3.18
N CYS B 54 37.73 6.20 4.40
CA CYS B 54 37.41 5.40 5.59
C CYS B 54 37.58 3.90 5.33
N PHE B 55 38.81 3.53 4.97
CA PHE B 55 39.17 2.11 4.83
C PHE B 55 39.42 1.47 6.19
N TYR B 56 40.21 2.13 7.05
CA TYR B 56 40.56 1.56 8.35
C TYR B 56 39.39 1.40 9.32
N ASP B 57 38.92 2.52 9.87
CA ASP B 57 37.87 2.56 10.88
C ASP B 57 36.72 3.43 10.40
N TYR B 58 35.53 3.16 10.92
CA TYR B 58 34.40 4.00 10.52
C TYR B 58 33.21 3.76 11.44
N VAL B 59 32.28 4.72 11.40
CA VAL B 59 30.95 4.59 11.97
C VAL B 59 29.95 4.59 10.81
N LYS B 60 29.20 3.51 10.68
CA LYS B 60 28.20 3.35 9.63
C LYS B 60 26.82 3.48 10.26
N ILE B 61 26.13 4.59 9.95
CA ILE B 61 24.76 4.79 10.40
C ILE B 61 23.83 4.68 9.20
N SER B 62 22.78 3.87 9.34
CA SER B 62 21.86 3.56 8.26
C SER B 62 20.43 3.54 8.79
N ALA B 63 19.51 4.08 8.00
CA ALA B 63 18.11 4.19 8.38
C ALA B 63 17.21 3.71 7.25
N ASP B 64 16.21 2.89 7.59
CA ASP B 64 15.13 2.53 6.68
C ASP B 64 15.62 2.10 5.30
N LYS B 65 16.31 0.95 5.28
CA LYS B 65 16.87 0.31 4.08
C LYS B 65 17.67 1.27 3.19
N LYS B 66 18.48 2.11 3.84
CA LYS B 66 19.41 2.98 3.13
C LYS B 66 20.49 3.41 4.10
N SER B 67 21.75 3.25 3.71
CA SER B 67 22.87 3.72 4.51
C SER B 67 23.01 5.21 4.30
N LEU B 68 22.78 5.99 5.36
CA LEU B 68 22.89 7.43 5.26
C LEU B 68 24.34 7.87 5.34
N GLY B 69 25.07 7.35 6.32
CA GLY B 69 26.44 7.77 6.52
C GLY B 69 27.43 6.66 6.81
N ARG B 70 28.66 6.82 6.32
CA ARG B 70 29.80 6.05 6.81
C ARG B 70 30.95 7.04 6.97
N PHE B 71 31.29 7.35 8.22
CA PHE B 71 32.09 8.53 8.52
C PHE B 71 33.20 8.18 9.50
N CYS B 72 34.31 8.90 9.38
CA CYS B 72 35.50 8.64 10.19
C CYS B 72 36.32 9.92 10.27
N GLY B 73 37.28 9.92 11.18
CA GLY B 73 38.15 11.06 11.38
C GLY B 73 37.90 11.75 12.71
N GLN B 74 38.48 12.94 12.84
CA GLN B 74 38.39 13.74 14.05
C GLN B 74 37.51 14.96 13.84
N LEU B 75 37.00 15.48 14.95
CA LEU B 75 36.09 16.63 14.94
C LEU B 75 36.62 17.76 14.06
N GLY B 76 37.91 18.09 14.21
CA GLY B 76 38.48 19.22 13.50
C GLY B 76 39.34 18.93 12.29
N SER B 77 39.93 17.73 12.23
CA SER B 77 41.01 17.42 11.30
C SER B 77 40.48 17.18 9.88
N PRO B 78 41.19 17.66 8.86
CA PRO B 78 40.79 17.37 7.47
C PRO B 78 41.24 16.00 6.99
N LEU B 79 41.01 15.71 5.71
CA LEU B 79 41.36 14.42 5.10
C LEU B 79 40.55 13.28 5.70
N GLY B 80 39.66 13.65 6.62
CA GLY B 80 38.67 12.81 7.26
C GLY B 80 37.25 13.26 6.94
N ASN B 81 36.30 12.33 7.02
CA ASN B 81 34.87 12.62 6.83
C ASN B 81 34.15 12.56 8.17
N PRO B 82 34.21 13.61 8.97
CA PRO B 82 33.50 13.60 10.26
C PRO B 82 32.11 14.18 10.13
N PRO B 83 31.14 13.63 10.87
CA PRO B 83 29.83 14.29 10.94
C PRO B 83 29.88 15.56 11.76
N GLY B 84 30.63 15.56 12.85
CA GLY B 84 30.78 16.72 13.71
C GLY B 84 29.60 16.92 14.64
N LYS B 85 28.49 17.48 14.12
CA LYS B 85 27.27 17.60 14.90
C LYS B 85 26.01 17.43 14.06
N LYS B 86 26.12 16.93 12.83
CA LYS B 86 25.02 17.06 11.87
C LYS B 86 23.83 16.18 12.25
N GLU B 87 22.63 16.65 11.87
CA GLU B 87 21.41 15.93 12.16
C GLU B 87 21.28 14.71 11.27
N PHE B 88 20.89 13.58 11.86
CA PHE B 88 20.67 12.33 11.13
C PHE B 88 19.31 11.77 11.54
N MET B 89 18.27 12.10 10.78
CA MET B 89 16.91 11.70 11.09
C MET B 89 16.51 10.48 10.28
N SER B 90 15.76 9.58 10.91
CA SER B 90 15.13 8.48 10.22
C SER B 90 13.71 8.88 9.81
N GLN B 91 13.08 8.00 9.03
CA GLN B 91 11.69 8.18 8.63
C GLN B 91 10.77 7.32 9.48
N GLY B 92 11.02 6.01 9.51
CA GLY B 92 10.33 5.11 10.43
C GLY B 92 10.80 5.28 11.86
N ASN B 93 10.73 4.21 12.65
CA ASN B 93 11.04 4.27 14.08
C ASN B 93 12.34 3.57 14.44
N LYS B 94 13.22 3.29 13.48
CA LYS B 94 14.42 2.50 13.76
C LYS B 94 15.63 3.10 13.06
N MET B 95 16.76 3.14 13.79
CA MET B 95 18.02 3.68 13.29
C MET B 95 19.16 2.73 13.65
N LEU B 96 19.79 2.13 12.65
CA LEU B 96 20.86 1.15 12.88
C LEU B 96 22.22 1.84 12.85
N LEU B 97 22.98 1.70 13.93
CA LEU B 97 24.33 2.22 14.06
C LEU B 97 25.33 1.07 14.11
N THR B 98 26.51 1.27 13.52
CA THR B 98 27.57 0.29 13.51
C THR B 98 28.91 0.99 13.68
N PHE B 99 29.84 0.32 14.35
CA PHE B 99 31.17 0.87 14.64
C PHE B 99 32.23 -0.20 14.33
N HIS B 100 33.12 0.10 13.36
CA HIS B 100 34.13 -0.84 12.88
C HIS B 100 35.54 -0.27 13.03
N THR B 101 36.49 -1.18 13.32
CA THR B 101 37.86 -0.83 13.67
C THR B 101 38.78 -2.02 13.43
N ASP B 102 39.83 -1.83 12.62
CA ASP B 102 40.83 -2.85 12.36
C ASP B 102 41.76 -3.04 13.56
N PHE B 103 42.78 -3.90 13.37
CA PHE B 103 43.72 -4.20 14.43
C PHE B 103 44.66 -3.05 14.76
N SER B 104 45.02 -2.22 13.78
CA SER B 104 46.07 -1.22 13.97
C SER B 104 45.56 0.19 13.69
N ASN B 105 45.49 1.03 14.73
CA ASN B 105 45.23 2.46 14.56
C ASN B 105 46.46 3.29 14.88
N GLU B 106 47.61 2.66 15.10
CA GLU B 106 48.73 3.33 15.73
C GLU B 106 50.01 3.17 14.91
N GLU B 107 49.88 3.07 13.59
CA GLU B 107 51.01 2.79 12.70
C GLU B 107 51.41 3.97 11.81
N ASN B 108 50.46 4.62 11.11
CA ASN B 108 50.84 5.48 10.00
C ASN B 108 51.57 6.72 10.49
N GLY B 109 51.45 7.03 11.76
CA GLY B 109 52.35 7.99 12.38
C GLY B 109 53.24 7.15 13.26
N THR B 110 52.93 7.19 14.55
CA THR B 110 53.37 6.23 15.55
C THR B 110 52.18 6.12 16.51
N ILE B 111 52.42 5.82 17.79
CA ILE B 111 51.32 5.53 18.70
C ILE B 111 50.28 6.64 18.63
N MET B 112 49.00 6.23 18.66
CA MET B 112 47.86 7.16 18.65
C MET B 112 46.82 6.68 19.65
N PHE B 113 46.18 7.64 20.33
CA PHE B 113 45.15 7.35 21.34
C PHE B 113 43.85 8.01 20.89
N TYR B 114 42.88 7.20 20.46
CA TYR B 114 41.61 7.70 19.92
C TYR B 114 40.46 7.36 20.87
N LYS B 115 39.73 8.40 21.29
CA LYS B 115 38.71 8.24 22.33
C LYS B 115 37.48 7.50 21.82
N GLY B 116 36.76 8.09 20.87
CA GLY B 116 35.53 7.49 20.37
C GLY B 116 34.46 8.48 19.93
N PHE B 117 33.23 8.37 20.44
CA PHE B 117 32.18 9.29 20.05
C PHE B 117 31.06 9.30 21.08
N LEU B 118 30.31 10.40 21.09
CA LEU B 118 29.11 10.59 21.92
C LEU B 118 27.91 10.86 21.00
N ALA B 119 27.08 9.85 20.78
CA ALA B 119 25.85 10.02 20.01
C ALA B 119 24.70 10.31 20.95
N TYR B 120 24.01 11.43 20.73
CA TYR B 120 22.78 11.76 21.44
C TYR B 120 21.63 11.63 20.45
N TYR B 121 20.54 10.97 20.87
CA TYR B 121 19.40 10.81 19.99
C TYR B 121 18.10 11.19 20.70
N GLN B 122 17.31 12.05 20.06
CA GLN B 122 15.94 12.36 20.44
C GLN B 122 14.96 11.61 19.56
N ALA B 123 13.80 11.29 20.14
CA ALA B 123 12.65 10.94 19.32
C ALA B 123 11.93 12.22 18.86
N VAL B 124 11.19 12.09 17.76
CA VAL B 124 10.42 13.18 17.18
C VAL B 124 9.10 12.60 16.69
N ASP B 125 8.08 13.45 16.57
CA ASP B 125 6.83 13.03 15.97
C ASP B 125 6.87 13.21 14.46
N LEU B 126 6.23 12.30 13.74
CA LEU B 126 6.13 12.39 12.29
C LEU B 126 4.77 12.93 11.87
N ASP B 127 4.76 13.60 10.71
CA ASP B 127 3.56 14.22 10.16
C ASP B 127 2.91 13.22 9.22
N GLU B 128 1.93 12.47 9.74
CA GLU B 128 1.28 11.44 8.92
C GLU B 128 0.57 12.06 7.73
N CYS B 129 -0.11 13.18 7.95
CA CYS B 129 -0.82 13.88 6.88
C CYS B 129 0.10 14.21 5.73
N ALA B 130 1.17 14.98 6.00
CA ALA B 130 2.03 15.41 4.91
C ALA B 130 2.83 14.25 4.33
N SER B 131 2.95 13.15 5.06
CA SER B 131 3.61 11.97 4.51
C SER B 131 2.77 11.32 3.42
N ARG B 132 1.55 10.92 3.75
CA ARG B 132 0.75 10.16 2.78
C ARG B 132 0.12 11.01 1.68
N SER B 133 -0.25 12.26 1.95
CA SER B 133 -1.01 13.04 0.99
C SER B 133 -0.18 14.01 0.14
N LYS B 134 1.15 13.99 0.24
CA LYS B 134 1.91 15.01 -0.48
C LYS B 134 1.96 14.72 -1.99
N SER B 135 2.21 13.47 -2.38
CA SER B 135 2.27 13.13 -3.80
C SER B 135 1.91 11.67 -4.02
N GLY B 136 1.28 11.38 -5.17
CA GLY B 136 1.00 9.99 -5.53
C GLY B 136 -0.28 9.44 -4.92
N GLU B 137 -0.29 8.11 -4.74
CA GLU B 137 -1.29 7.42 -3.94
C GLU B 137 -2.73 7.59 -4.40
N GLU B 138 -3.12 6.86 -5.45
CA GLU B 138 -4.51 6.80 -5.88
C GLU B 138 -5.24 5.53 -5.42
N ASP B 139 -4.52 4.44 -5.19
CA ASP B 139 -5.10 3.20 -4.66
C ASP B 139 -5.63 3.48 -3.26
N PRO B 140 -6.38 2.58 -2.61
CA PRO B 140 -6.86 2.93 -1.26
C PRO B 140 -5.77 2.79 -0.22
N GLN B 141 -5.56 3.86 0.54
CA GLN B 141 -4.60 3.97 1.62
C GLN B 141 -5.29 4.51 2.87
N PRO B 142 -4.71 4.30 4.06
CA PRO B 142 -5.31 4.91 5.27
C PRO B 142 -4.97 6.40 5.42
N GLN B 143 -5.53 7.23 4.53
CA GLN B 143 -5.38 8.68 4.54
C GLN B 143 -6.75 9.34 4.67
N CYS B 144 -6.78 10.60 5.11
CA CYS B 144 -8.03 11.21 5.51
C CYS B 144 -8.67 12.05 4.40
N GLN B 145 -10.00 12.19 4.50
CA GLN B 145 -10.83 12.72 3.43
C GLN B 145 -10.82 14.25 3.34
N HIS B 146 -11.25 14.92 4.42
CA HIS B 146 -11.30 16.38 4.43
C HIS B 146 -10.10 16.98 5.15
N LEU B 147 -9.87 16.61 6.40
CA LEU B 147 -8.59 16.97 6.97
C LEU B 147 -8.25 16.02 8.11
N CYS B 148 -6.98 15.70 8.22
CA CYS B 148 -6.41 15.06 9.38
C CYS B 148 -5.64 16.11 10.18
N HIS B 149 -5.11 15.69 11.32
CA HIS B 149 -4.38 16.58 12.20
C HIS B 149 -3.06 15.91 12.58
N ASN B 150 -1.99 16.70 12.64
CA ASN B 150 -0.70 16.21 13.09
C ASN B 150 -0.50 16.59 14.54
N TYR B 151 -0.39 15.59 15.41
CA TYR B 151 0.03 15.80 16.79
C TYR B 151 1.00 14.69 17.16
N VAL B 152 1.59 14.82 18.35
CA VAL B 152 2.65 13.90 18.76
C VAL B 152 2.09 12.49 18.92
N GLY B 153 2.83 11.52 18.37
CA GLY B 153 2.43 10.13 18.46
C GLY B 153 1.45 9.68 17.40
N GLY B 154 0.18 10.03 17.57
CA GLY B 154 -0.88 9.61 16.68
C GLY B 154 -1.40 10.73 15.81
N TYR B 155 -2.56 10.47 15.20
CA TYR B 155 -3.25 11.48 14.40
C TYR B 155 -4.75 11.19 14.44
N PHE B 156 -5.54 12.27 14.40
CA PHE B 156 -6.99 12.18 14.39
C PHE B 156 -7.53 13.08 13.29
N CYS B 157 -8.79 12.85 12.91
CA CYS B 157 -9.35 13.40 11.69
C CYS B 157 -10.59 14.24 11.96
N SER B 158 -10.90 15.15 11.03
CA SER B 158 -12.12 15.94 11.11
C SER B 158 -12.57 16.36 9.71
N CYS B 159 -13.84 16.78 9.66
CA CYS B 159 -14.58 17.07 8.44
C CYS B 159 -14.84 18.57 8.28
N ARG B 160 -15.13 18.96 7.05
CA ARG B 160 -15.40 20.33 6.68
C ARG B 160 -16.75 20.79 7.26
N PRO B 161 -16.93 22.11 7.46
CA PRO B 161 -18.21 22.63 7.96
C PRO B 161 -19.46 22.01 7.34
N GLY B 162 -20.31 21.45 8.19
CA GLY B 162 -21.58 20.90 7.74
C GLY B 162 -21.53 19.46 7.29
N TYR B 163 -20.46 18.72 7.59
CA TYR B 163 -20.33 17.32 7.25
C TYR B 163 -20.21 16.47 8.52
N GLU B 164 -20.60 15.20 8.39
CA GLU B 164 -20.53 14.23 9.46
C GLU B 164 -19.37 13.27 9.22
N LEU B 165 -18.67 12.92 10.30
CA LEU B 165 -17.61 11.93 10.26
C LEU B 165 -18.20 10.55 10.46
N GLN B 166 -17.89 9.64 9.55
CA GLN B 166 -18.40 8.28 9.66
C GLN B 166 -17.46 7.45 10.54
N GLU B 167 -17.93 6.26 10.90
CA GLU B 167 -17.34 5.50 12.00
C GLU B 167 -15.84 5.32 11.84
N ASP B 168 -15.37 5.06 10.62
CA ASP B 168 -13.96 4.77 10.37
C ASP B 168 -13.02 5.91 10.78
N THR B 169 -13.54 7.09 11.08
CA THR B 169 -12.73 8.27 11.42
C THR B 169 -11.74 8.60 10.32
N HIS B 170 -12.11 8.35 9.06
CA HIS B 170 -11.28 8.76 7.93
C HIS B 170 -12.07 9.51 6.87
N SER B 171 -13.34 9.17 6.70
CA SER B 171 -14.16 9.77 5.64
C SER B 171 -15.40 10.44 6.23
N CYS B 172 -16.03 11.28 5.40
CA CYS B 172 -17.13 12.12 5.82
C CYS B 172 -18.26 12.10 4.80
N GLN B 173 -19.49 12.07 5.28
CA GLN B 173 -20.66 12.34 4.45
C GLN B 173 -21.21 13.72 4.80
N ALA B 174 -22.28 14.12 4.11
CA ALA B 174 -22.99 15.34 4.48
C ALA B 174 -24.06 15.04 5.52
N GLU B 175 -24.27 15.97 6.44
CA GLU B 175 -25.41 15.86 7.36
C GLU B 175 -26.68 16.35 6.67
N CYS B 176 -26.74 17.66 6.42
CA CYS B 176 -27.75 18.31 5.58
C CYS B 176 -29.15 17.73 5.79
N SER B 177 -29.57 17.65 7.05
CA SER B 177 -30.93 17.23 7.35
C SER B 177 -31.73 18.33 8.06
N SER B 178 -31.28 18.78 9.24
CA SER B 178 -31.99 19.82 9.99
C SER B 178 -31.23 21.15 9.85
N GLU B 179 -31.23 21.69 8.63
CA GLU B 179 -30.59 22.97 8.35
C GLU B 179 -31.61 24.08 8.59
N LEU B 180 -31.46 24.77 9.72
CA LEU B 180 -32.45 25.75 10.18
C LEU B 180 -32.09 27.16 9.74
N TYR B 181 -33.13 27.99 9.58
CA TYR B 181 -32.96 29.41 9.23
C TYR B 181 -34.10 30.18 9.89
N THR B 182 -33.77 30.99 10.91
CA THR B 182 -34.78 31.78 11.60
C THR B 182 -34.56 33.29 11.50
N GLU B 183 -33.49 33.74 10.84
CA GLU B 183 -33.18 35.16 10.77
C GLU B 183 -34.08 35.85 9.75
N ALA B 184 -34.05 37.19 9.78
CA ALA B 184 -34.93 37.99 8.94
C ALA B 184 -34.67 37.76 7.46
N SER B 185 -33.49 38.18 6.98
CA SER B 185 -33.07 37.89 5.61
C SER B 185 -32.22 36.62 5.61
N GLY B 186 -31.56 36.34 4.50
CA GLY B 186 -30.50 35.35 4.54
C GLY B 186 -30.24 34.74 3.19
N TYR B 187 -29.16 33.94 3.15
CA TYR B 187 -28.72 33.22 1.97
C TYR B 187 -28.73 31.72 2.25
N ILE B 188 -29.24 30.95 1.29
CA ILE B 188 -29.20 29.49 1.36
C ILE B 188 -28.60 28.96 0.07
N SER B 189 -27.60 28.08 0.20
CA SER B 189 -26.89 27.55 -0.96
C SER B 189 -26.68 26.06 -0.77
N SER B 190 -26.73 25.33 -1.88
CA SER B 190 -26.41 23.91 -1.86
C SER B 190 -24.98 23.71 -1.37
N LEU B 191 -24.73 22.55 -0.76
CA LEU B 191 -23.45 22.30 -0.10
C LEU B 191 -22.30 22.38 -1.08
N GLU B 192 -21.30 23.21 -0.75
CA GLU B 192 -20.10 23.42 -1.55
C GLU B 192 -20.44 23.93 -2.95
N TYR B 193 -20.89 25.20 -2.98
CA TYR B 193 -21.34 25.98 -4.12
C TYR B 193 -20.32 27.06 -4.46
N PRO B 194 -20.01 27.29 -5.75
CA PRO B 194 -20.61 26.64 -6.92
C PRO B 194 -19.86 25.40 -7.41
N ARG B 195 -19.20 24.67 -6.51
CA ARG B 195 -18.66 23.38 -6.88
C ARG B 195 -19.79 22.36 -6.98
N SER B 196 -19.46 21.16 -7.47
CA SER B 196 -20.48 20.15 -7.69
C SER B 196 -21.05 19.67 -6.36
N TYR B 197 -22.37 19.39 -6.35
CA TYR B 197 -23.02 18.99 -5.12
C TYR B 197 -22.80 17.50 -4.83
N PRO B 198 -22.71 17.13 -3.55
CA PRO B 198 -22.55 15.72 -3.23
C PRO B 198 -23.75 14.91 -3.67
N PRO B 199 -23.56 13.63 -3.94
CA PRO B 199 -24.69 12.75 -4.29
C PRO B 199 -25.26 12.05 -3.06
N ASP B 200 -26.45 11.48 -3.24
CA ASP B 200 -27.12 10.67 -2.22
C ASP B 200 -27.43 11.49 -0.96
N LEU B 201 -28.30 12.49 -1.14
CA LEU B 201 -28.62 13.45 -0.08
C LEU B 201 -30.13 13.51 0.14
N ARG B 202 -30.52 13.83 1.38
CA ARG B 202 -31.92 14.09 1.76
C ARG B 202 -31.93 15.38 2.59
N CYS B 203 -31.93 16.52 1.92
CA CYS B 203 -31.79 17.81 2.61
C CYS B 203 -33.14 18.47 2.86
N ASN B 204 -33.30 19.03 4.07
CA ASN B 204 -34.50 19.78 4.47
C ASN B 204 -34.04 21.13 5.02
N TYR B 205 -33.79 22.09 4.11
CA TYR B 205 -33.44 23.47 4.46
C TYR B 205 -34.70 24.19 4.96
N SER B 206 -34.84 24.30 6.27
CA SER B 206 -36.07 24.82 6.89
C SER B 206 -35.91 26.28 7.28
N ILE B 207 -36.85 27.11 6.81
CA ILE B 207 -36.96 28.52 7.19
C ILE B 207 -38.21 28.70 8.06
N ARG B 208 -38.02 29.26 9.25
CA ARG B 208 -39.10 29.52 10.21
C ARG B 208 -38.93 30.93 10.77
N VAL B 209 -39.63 31.90 10.20
CA VAL B 209 -39.59 33.29 10.67
C VAL B 209 -40.75 33.56 11.61
N GLU B 210 -40.64 34.68 12.34
CA GLU B 210 -41.69 35.15 13.24
C GLU B 210 -43.01 35.35 12.49
N ARG B 211 -44.08 34.80 13.06
CA ARG B 211 -45.39 34.84 12.42
C ARG B 211 -45.84 36.29 12.23
N GLY B 212 -46.52 36.54 11.11
CA GLY B 212 -46.85 37.88 10.68
C GLY B 212 -45.93 38.44 9.62
N LEU B 213 -45.18 37.59 8.94
CA LEU B 213 -44.35 37.98 7.80
C LEU B 213 -44.61 37.04 6.63
N THR B 214 -44.25 37.50 5.44
CA THR B 214 -44.32 36.72 4.22
C THR B 214 -42.92 36.62 3.62
N LEU B 215 -42.60 35.45 3.10
CA LEU B 215 -41.26 35.18 2.60
C LEU B 215 -41.17 35.42 1.10
N HIS B 216 -40.02 35.94 0.67
CA HIS B 216 -39.72 36.28 -0.71
C HIS B 216 -38.46 35.53 -1.09
N LEU B 217 -38.58 34.54 -1.97
CA LEU B 217 -37.45 33.71 -2.38
C LEU B 217 -36.95 34.19 -3.74
N LYS B 218 -35.67 34.57 -3.80
CA LYS B 218 -35.03 35.07 -5.01
C LYS B 218 -33.87 34.17 -5.36
N PHE B 219 -34.03 33.38 -6.43
CA PHE B 219 -32.95 32.51 -6.89
C PHE B 219 -31.88 33.32 -7.62
N LEU B 220 -30.63 32.96 -7.37
CA LEU B 220 -29.49 33.60 -8.01
C LEU B 220 -28.96 32.72 -9.14
N GLU B 221 -28.18 33.34 -10.02
CA GLU B 221 -27.40 32.62 -11.02
C GLU B 221 -25.97 32.40 -10.53
N PRO B 222 -25.39 31.20 -10.75
CA PRO B 222 -25.95 30.11 -11.54
C PRO B 222 -26.95 29.20 -10.81
N PHE B 223 -27.69 28.43 -11.60
CA PHE B 223 -28.65 27.44 -11.11
C PHE B 223 -28.50 26.23 -12.02
N ASP B 224 -27.78 25.20 -11.54
CA ASP B 224 -27.36 24.08 -12.38
C ASP B 224 -27.67 22.77 -11.67
N ILE B 225 -28.64 22.03 -12.19
CA ILE B 225 -29.01 20.72 -11.67
C ILE B 225 -29.26 19.78 -12.83
N ASP B 226 -28.87 18.52 -12.69
CA ASP B 226 -29.07 17.51 -13.73
C ASP B 226 -30.54 17.36 -14.10
N ASP B 227 -30.90 17.78 -15.30
CA ASP B 227 -32.27 17.70 -15.80
C ASP B 227 -32.31 16.83 -17.05
N HIS B 228 -33.49 16.73 -17.66
CA HIS B 228 -33.65 15.90 -18.85
C HIS B 228 -34.85 16.40 -19.66
N GLN B 229 -34.65 16.48 -20.98
CA GLN B 229 -35.69 17.05 -21.85
C GLN B 229 -36.92 16.17 -21.99
N GLN B 230 -36.81 14.87 -21.72
CA GLN B 230 -37.98 14.00 -21.81
C GLN B 230 -38.87 14.13 -20.58
N VAL B 231 -38.32 13.85 -19.40
CA VAL B 231 -39.03 13.97 -18.14
C VAL B 231 -38.22 14.88 -17.22
N HIS B 232 -38.91 15.83 -16.59
CA HIS B 232 -38.24 16.84 -15.78
C HIS B 232 -37.88 16.27 -14.41
N CYS B 233 -36.62 16.42 -14.02
CA CYS B 233 -36.05 16.00 -12.74
C CYS B 233 -36.16 14.49 -12.53
N PRO B 234 -35.51 13.65 -13.36
CA PRO B 234 -35.49 12.20 -13.07
C PRO B 234 -34.41 11.79 -12.09
N TYR B 235 -33.23 12.42 -12.17
CA TYR B 235 -32.12 12.04 -11.30
C TYR B 235 -32.13 12.89 -10.03
N ASP B 236 -32.04 14.21 -10.20
CA ASP B 236 -31.98 15.15 -9.09
C ASP B 236 -33.28 15.94 -9.02
N GLN B 237 -33.73 16.24 -7.80
CA GLN B 237 -34.93 17.03 -7.59
C GLN B 237 -34.66 18.07 -6.51
N LEU B 238 -35.20 19.26 -6.70
CA LEU B 238 -35.24 20.31 -5.67
C LEU B 238 -36.70 20.70 -5.46
N GLN B 239 -37.37 19.98 -4.55
CA GLN B 239 -38.73 20.31 -4.17
C GLN B 239 -38.76 21.48 -3.22
N ILE B 240 -39.82 22.28 -3.30
CA ILE B 240 -40.06 23.37 -2.37
C ILE B 240 -41.43 23.18 -1.74
N TYR B 241 -41.45 23.08 -0.42
CA TYR B 241 -42.67 23.06 0.38
C TYR B 241 -42.88 24.45 0.98
N ALA B 242 -44.11 24.96 0.88
CA ALA B 242 -44.48 26.20 1.54
C ALA B 242 -45.75 25.96 2.34
N ASN B 243 -45.74 26.37 3.61
CA ASN B 243 -46.93 26.36 4.47
C ASN B 243 -47.54 24.97 4.55
N GLY B 244 -46.70 23.93 4.49
CA GLY B 244 -47.13 22.56 4.55
C GLY B 244 -47.31 21.87 3.20
N LYS B 245 -47.50 22.62 2.11
CA LYS B 245 -47.79 22.03 0.82
C LYS B 245 -46.68 22.33 -0.19
N ASN B 246 -46.40 21.36 -1.06
CA ASN B 246 -45.49 21.54 -2.17
C ASN B 246 -45.91 22.71 -3.06
N ILE B 247 -44.91 23.46 -3.54
CA ILE B 247 -45.17 24.57 -4.44
C ILE B 247 -44.24 24.51 -5.65
N GLY B 248 -43.64 23.35 -5.92
CA GLY B 248 -42.77 23.23 -7.08
C GLY B 248 -41.53 22.37 -6.91
N GLU B 249 -41.34 21.43 -7.84
CA GLU B 249 -40.16 20.56 -7.91
C GLU B 249 -39.29 21.01 -9.08
N PHE B 250 -38.15 21.63 -8.77
CA PHE B 250 -37.34 22.30 -9.77
C PHE B 250 -36.03 21.58 -10.04
N CYS B 251 -35.56 21.73 -11.28
CA CYS B 251 -34.24 21.31 -11.75
C CYS B 251 -34.04 21.92 -13.13
N GLY B 252 -32.77 22.10 -13.50
CA GLY B 252 -32.48 22.61 -14.83
C GLY B 252 -31.34 23.62 -14.89
N LYS B 253 -31.37 24.49 -15.91
CA LYS B 253 -30.28 25.42 -16.17
C LYS B 253 -30.65 26.88 -15.98
N GLN B 254 -31.82 27.31 -16.46
CA GLN B 254 -32.32 28.64 -16.11
C GLN B 254 -32.98 28.62 -14.74
N ARG B 255 -32.73 29.67 -13.97
CA ARG B 255 -33.24 29.74 -12.60
C ARG B 255 -34.77 29.80 -12.58
N PRO B 256 -35.40 29.19 -11.57
CA PRO B 256 -36.85 29.29 -11.42
C PRO B 256 -37.28 30.71 -11.12
N PRO B 257 -38.57 31.02 -11.25
CA PRO B 257 -39.02 32.40 -11.01
C PRO B 257 -38.87 32.79 -9.54
N ASP B 258 -38.67 34.09 -9.32
CA ASP B 258 -38.75 34.62 -7.96
C ASP B 258 -40.11 34.31 -7.37
N LEU B 259 -40.11 33.61 -6.23
CA LEU B 259 -41.35 33.13 -5.62
C LEU B 259 -41.74 33.98 -4.43
N ASP B 260 -43.03 34.25 -4.31
CA ASP B 260 -43.61 34.90 -3.14
C ASP B 260 -44.56 33.91 -2.49
N THR B 261 -44.36 33.68 -1.19
CA THR B 261 -44.94 32.52 -0.50
C THR B 261 -46.27 32.81 0.20
N SER B 262 -46.39 33.97 0.86
CA SER B 262 -47.50 34.24 1.77
C SER B 262 -47.46 33.29 2.97
N SER B 263 -46.25 32.97 3.43
CA SER B 263 -46.05 32.01 4.51
C SER B 263 -44.88 32.46 5.39
N ASN B 264 -44.93 32.06 6.65
CA ASN B 264 -43.84 32.26 7.59
C ASN B 264 -43.00 31.01 7.79
N ALA B 265 -43.30 29.92 7.09
CA ALA B 265 -42.60 28.65 7.26
C ALA B 265 -42.44 27.99 5.90
N VAL B 266 -41.20 27.91 5.41
CA VAL B 266 -40.91 27.23 4.16
C VAL B 266 -39.90 26.12 4.41
N ASP B 267 -39.91 25.10 3.56
CA ASP B 267 -38.94 24.00 3.63
C ASP B 267 -38.48 23.67 2.21
N LEU B 268 -37.18 23.85 1.93
CA LEU B 268 -36.62 23.41 0.65
C LEU B 268 -36.04 22.01 0.82
N LEU B 269 -36.63 21.04 0.13
CA LEU B 269 -36.17 19.66 0.14
C LEU B 269 -35.30 19.39 -1.09
N PHE B 270 -34.14 18.78 -0.86
CA PHE B 270 -33.15 18.57 -1.90
C PHE B 270 -32.80 17.08 -1.96
N PHE B 271 -33.11 16.46 -3.10
CA PHE B 271 -32.82 15.04 -3.35
C PHE B 271 -31.80 14.94 -4.48
N THR B 272 -30.68 14.28 -4.20
CA THR B 272 -29.62 14.11 -5.19
C THR B 272 -29.52 12.66 -5.66
N ASP B 273 -28.87 12.49 -6.81
CA ASP B 273 -28.68 11.19 -7.45
C ASP B 273 -27.37 10.61 -6.93
N GLU B 274 -26.80 9.63 -7.64
CA GLU B 274 -25.51 9.04 -7.27
C GLU B 274 -24.39 9.46 -8.21
N SER B 275 -24.36 10.73 -8.57
CA SER B 275 -23.25 11.33 -9.30
C SER B 275 -23.38 12.84 -9.24
N GLY B 276 -22.24 13.53 -9.29
CA GLY B 276 -22.27 14.98 -9.30
C GLY B 276 -21.53 15.61 -10.46
N ASP B 277 -22.27 16.09 -11.45
CA ASP B 277 -21.72 16.86 -12.57
C ASP B 277 -22.08 18.34 -12.47
N SER B 278 -23.36 18.62 -12.26
CA SER B 278 -23.87 19.98 -12.17
C SER B 278 -23.41 20.64 -10.87
N ARG B 279 -23.59 21.97 -10.80
CA ARG B 279 -23.00 22.76 -9.72
C ARG B 279 -23.95 22.92 -8.53
N GLY B 280 -25.12 23.49 -8.75
CA GLY B 280 -26.08 23.62 -7.66
C GLY B 280 -26.93 24.89 -7.77
N TRP B 281 -27.22 25.49 -6.61
CA TRP B 281 -28.17 26.60 -6.54
C TRP B 281 -27.86 27.48 -5.33
N LYS B 282 -28.33 28.72 -5.38
CA LYS B 282 -28.19 29.67 -4.29
C LYS B 282 -29.35 30.65 -4.34
N LEU B 283 -29.82 31.07 -3.16
CA LEU B 283 -31.01 31.92 -3.06
C LEU B 283 -30.87 32.91 -1.92
N ARG B 284 -31.48 34.09 -2.12
CA ARG B 284 -31.70 35.08 -1.08
C ARG B 284 -33.15 35.03 -0.64
N TYR B 285 -33.38 34.83 0.66
CA TYR B 285 -34.73 34.88 1.23
C TYR B 285 -34.90 36.14 2.07
N THR B 286 -35.96 36.88 1.79
CA THR B 286 -36.25 38.15 2.45
C THR B 286 -37.65 38.11 3.06
N THR B 287 -37.89 39.00 4.02
CA THR B 287 -39.15 39.04 4.75
C THR B 287 -39.88 40.35 4.53
N GLU B 288 -41.20 40.25 4.37
CA GLU B 288 -42.10 41.40 4.25
C GLU B 288 -43.28 41.19 5.22
N ILE B 289 -44.15 42.20 5.29
CA ILE B 289 -45.25 42.20 6.25
C ILE B 289 -46.55 41.91 5.48
N ILE B 290 -47.60 41.62 6.23
CA ILE B 290 -48.91 41.32 5.64
C ILE B 290 -49.97 42.30 6.12
N GLU C 1 -9.26 16.44 32.22
CA GLU C 1 -7.95 15.93 32.62
C GLU C 1 -7.04 15.82 31.40
N PRO C 2 -5.77 16.17 31.59
CA PRO C 2 -4.90 16.59 30.47
C PRO C 2 -4.91 15.62 29.29
N THR C 3 -4.96 16.19 28.08
CA THR C 3 -4.91 15.44 26.83
C THR C 3 -3.86 16.07 25.92
N MET C 4 -3.52 15.35 24.85
CA MET C 4 -2.53 15.79 23.87
C MET C 4 -3.16 16.48 22.66
N TYR C 5 -4.49 16.51 22.57
CA TYR C 5 -5.20 17.04 21.41
C TYR C 5 -6.64 17.30 21.83
N GLY C 6 -7.33 18.14 21.06
CA GLY C 6 -8.73 18.37 21.35
C GLY C 6 -9.40 19.27 20.34
N GLU C 7 -10.73 19.27 20.40
CA GLU C 7 -11.62 20.00 19.51
C GLU C 7 -12.46 20.98 20.31
N ILE C 8 -12.63 22.19 19.79
CA ILE C 8 -13.54 23.17 20.37
C ILE C 8 -14.39 23.77 19.26
N LEU C 9 -15.71 23.66 19.42
CA LEU C 9 -16.67 24.19 18.47
C LEU C 9 -17.56 25.23 19.15
N SER C 10 -18.07 26.16 18.36
CA SER C 10 -19.08 27.07 18.88
C SER C 10 -20.35 26.29 19.18
N PRO C 11 -21.11 26.70 20.19
CA PRO C 11 -22.39 26.04 20.48
C PRO C 11 -23.25 25.97 19.23
N ASN C 12 -23.84 24.79 18.99
CA ASN C 12 -24.78 24.54 17.90
C ASN C 12 -24.10 24.56 16.54
N TYR C 13 -22.80 24.28 16.49
CA TYR C 13 -22.07 24.29 15.23
C TYR C 13 -22.63 23.22 14.30
N PRO C 14 -22.68 23.47 12.97
CA PRO C 14 -22.34 24.75 12.33
C PRO C 14 -23.55 25.63 12.05
N GLN C 15 -24.53 25.60 12.95
CA GLN C 15 -25.74 26.40 12.81
C GLN C 15 -25.51 27.79 13.40
N ALA C 16 -26.56 28.60 13.46
CA ALA C 16 -26.46 29.89 14.12
C ALA C 16 -26.36 29.72 15.63
N TYR C 17 -25.49 30.55 16.28
CA TYR C 17 -25.31 30.39 17.71
C TYR C 17 -26.34 31.19 18.51
N PRO C 18 -26.67 30.75 19.72
CA PRO C 18 -27.60 31.51 20.55
C PRO C 18 -27.01 32.83 21.02
N SER C 19 -27.90 33.79 21.29
CA SER C 19 -27.52 35.09 21.79
C SER C 19 -27.43 35.08 23.32
N GLU C 20 -26.81 36.14 23.87
CA GLU C 20 -26.64 36.30 25.31
C GLU C 20 -25.98 35.08 25.94
N VAL C 21 -24.83 34.68 25.40
CA VAL C 21 -24.12 33.53 25.97
C VAL C 21 -22.71 33.94 26.35
N GLU C 22 -22.17 33.26 27.37
CA GLU C 22 -20.76 33.36 27.70
C GLU C 22 -20.30 31.98 28.14
N LYS C 23 -19.72 31.24 27.21
CA LYS C 23 -19.22 29.89 27.44
C LYS C 23 -17.69 29.90 27.52
N SER C 24 -17.14 29.07 28.39
CA SER C 24 -15.70 29.00 28.59
C SER C 24 -15.22 27.55 28.49
N TRP C 25 -14.02 27.38 27.95
CA TRP C 25 -13.32 26.10 27.88
C TRP C 25 -11.91 26.27 28.45
N ASP C 26 -11.48 25.28 29.25
CA ASP C 26 -10.15 25.24 29.83
C ASP C 26 -9.33 24.15 29.16
N ILE C 27 -8.34 24.56 28.36
CA ILE C 27 -7.43 23.62 27.71
C ILE C 27 -6.31 23.24 28.69
N GLU C 28 -5.92 21.97 28.67
CA GLU C 28 -4.90 21.47 29.58
C GLU C 28 -4.11 20.35 28.92
N VAL C 29 -2.79 20.51 28.90
CA VAL C 29 -1.87 19.47 28.46
C VAL C 29 -0.93 19.18 29.62
N PRO C 30 -0.23 18.03 29.58
CA PRO C 30 0.67 17.69 30.70
C PRO C 30 1.88 18.62 30.77
N GLU C 31 2.64 18.42 31.84
CA GLU C 31 3.79 19.27 32.15
C GLU C 31 4.80 19.29 31.02
N GLY C 32 5.41 20.45 30.81
CA GLY C 32 6.47 20.60 29.84
C GLY C 32 6.03 20.53 28.39
N TYR C 33 4.75 20.77 28.12
CA TYR C 33 4.26 20.90 26.76
C TYR C 33 3.73 22.31 26.50
N GLY C 34 4.03 22.84 25.31
CA GLY C 34 3.36 24.03 24.83
C GLY C 34 2.08 23.66 24.09
N ILE C 35 1.35 24.68 23.66
CA ILE C 35 0.06 24.44 23.01
C ILE C 35 -0.01 25.20 21.69
N HIS C 36 -0.49 24.51 20.66
CA HIS C 36 -0.76 25.10 19.34
C HIS C 36 -2.27 25.05 19.12
N LEU C 37 -2.91 26.21 19.16
CA LEU C 37 -4.36 26.33 19.01
C LEU C 37 -4.67 27.04 17.70
N TYR C 38 -5.44 26.39 16.83
CA TYR C 38 -5.69 26.93 15.49
C TYR C 38 -7.16 26.77 15.12
N PHE C 39 -7.63 27.71 14.30
CA PHE C 39 -9.05 27.87 13.97
C PHE C 39 -9.28 27.47 12.51
N THR C 40 -10.12 26.47 12.30
CA THR C 40 -10.47 26.04 10.95
C THR C 40 -11.67 26.78 10.38
N HIS C 41 -12.49 27.42 11.20
CA HIS C 41 -13.65 28.14 10.68
C HIS C 41 -13.97 29.34 11.55
N LEU C 42 -14.24 30.49 10.92
CA LEU C 42 -14.51 31.73 11.65
C LEU C 42 -15.58 32.52 10.92
N ASP C 43 -16.76 32.65 11.54
CA ASP C 43 -17.85 33.48 11.02
C ASP C 43 -18.63 33.98 12.25
N ILE C 44 -18.24 35.15 12.75
CA ILE C 44 -18.80 35.70 13.97
C ILE C 44 -19.24 37.14 13.71
N GLU C 45 -20.24 37.59 14.46
CA GLU C 45 -20.76 38.96 14.32
C GLU C 45 -19.64 39.98 14.45
N LEU C 46 -19.52 40.84 13.44
CA LEU C 46 -18.38 41.74 13.29
C LEU C 46 -18.62 43.04 14.04
N SER C 47 -17.68 43.38 14.92
CA SER C 47 -17.73 44.63 15.67
C SER C 47 -16.31 45.11 15.92
N GLU C 48 -16.16 46.43 16.07
CA GLU C 48 -14.85 47.01 16.29
C GLU C 48 -14.36 46.66 17.69
N ASN C 49 -13.11 46.21 17.78
CA ASN C 49 -12.52 45.64 19.00
C ASN C 49 -13.32 44.43 19.49
N CYS C 50 -13.98 43.75 18.57
CA CYS C 50 -14.86 42.60 18.86
C CYS C 50 -15.70 42.84 20.11
N ALA C 51 -16.48 43.93 20.05
CA ALA C 51 -17.26 44.36 21.21
C ALA C 51 -18.50 43.50 21.40
N TYR C 52 -19.36 43.43 20.38
CA TYR C 52 -20.64 42.74 20.52
C TYR C 52 -20.45 41.26 20.82
N ASP C 53 -19.92 40.52 19.83
CA ASP C 53 -19.65 39.09 19.96
C ASP C 53 -18.15 38.85 19.74
N SER C 54 -17.62 37.85 20.43
CA SER C 54 -16.18 37.62 20.33
C SER C 54 -15.84 36.22 20.82
N VAL C 55 -14.68 35.74 20.36
CA VAL C 55 -14.03 34.56 20.92
C VAL C 55 -12.64 34.97 21.41
N GLN C 56 -12.31 34.55 22.63
CA GLN C 56 -11.22 35.15 23.40
C GLN C 56 -10.24 34.07 23.83
N ILE C 57 -8.95 34.38 23.72
CA ILE C 57 -7.89 33.46 24.12
C ILE C 57 -7.06 34.13 25.22
N ILE C 58 -7.11 33.53 26.41
CA ILE C 58 -6.42 34.04 27.60
C ILE C 58 -5.50 32.93 28.12
N SER C 59 -4.23 33.27 28.31
CA SER C 59 -3.26 32.39 28.97
C SER C 59 -2.91 33.01 30.32
N GLY C 60 -3.30 32.33 31.40
CA GLY C 60 -3.07 32.85 32.73
C GLY C 60 -3.90 34.10 33.01
N ASP C 61 -3.25 35.26 33.02
CA ASP C 61 -3.92 36.53 33.23
C ASP C 61 -3.97 37.40 31.98
N THR C 62 -3.21 37.06 30.94
CA THR C 62 -3.00 37.93 29.79
C THR C 62 -3.76 37.42 28.58
N GLU C 63 -4.29 38.35 27.79
CA GLU C 63 -5.13 38.03 26.63
C GLU C 63 -4.25 37.74 25.43
N GLU C 64 -4.13 36.46 25.07
CA GLU C 64 -3.36 36.09 23.90
C GLU C 64 -4.07 36.40 22.59
N GLY C 65 -5.38 36.61 22.60
CA GLY C 65 -6.03 37.00 21.36
C GLY C 65 -7.52 37.25 21.54
N ARG C 66 -8.11 37.84 20.51
CA ARG C 66 -9.54 38.12 20.47
C ARG C 66 -9.96 38.19 19.00
N LEU C 67 -10.88 37.31 18.60
CA LEU C 67 -11.30 37.19 17.22
C LEU C 67 -12.81 37.41 17.06
N CYS C 68 -13.17 37.98 15.92
CA CYS C 68 -14.55 38.13 15.47
C CYS C 68 -14.53 38.42 13.98
N GLY C 69 -15.71 38.37 13.36
CA GLY C 69 -15.85 38.67 11.96
C GLY C 69 -15.99 37.44 11.09
N GLN C 70 -16.24 37.70 9.80
CA GLN C 70 -16.36 36.69 8.77
C GLN C 70 -15.01 36.54 8.06
N ARG C 71 -14.44 35.34 8.09
CA ARG C 71 -13.11 35.13 7.52
C ARG C 71 -12.94 33.68 7.10
N SER C 72 -12.32 33.49 5.93
CA SER C 72 -12.00 32.16 5.41
C SER C 72 -10.53 32.09 5.03
N SER C 73 -10.02 30.87 4.94
CA SER C 73 -8.59 30.64 4.71
C SER C 73 -8.18 31.09 3.31
N ASN C 74 -7.12 31.90 3.25
CA ASN C 74 -6.63 32.37 1.96
C ASN C 74 -5.79 31.31 1.24
N ASN C 75 -4.95 30.57 1.98
CA ASN C 75 -4.17 29.51 1.37
C ASN C 75 -5.07 28.32 1.03
N PRO C 76 -5.13 27.90 -0.24
CA PRO C 76 -5.89 26.67 -0.54
C PRO C 76 -5.22 25.40 -0.10
N HIS C 77 -3.92 25.45 0.23
CA HIS C 77 -3.20 24.30 0.74
C HIS C 77 -3.28 24.13 2.25
N SER C 78 -3.91 25.07 2.96
CA SER C 78 -4.04 24.98 4.41
C SER C 78 -5.43 25.41 4.85
N PRO C 79 -6.03 24.67 5.79
CA PRO C 79 -7.34 25.07 6.33
C PRO C 79 -7.26 26.08 7.48
N ILE C 80 -6.07 26.46 7.90
CA ILE C 80 -5.92 27.28 9.10
C ILE C 80 -6.25 28.73 8.76
N VAL C 81 -7.03 29.36 9.63
CA VAL C 81 -7.46 30.74 9.44
C VAL C 81 -6.79 31.69 10.43
N GLU C 82 -6.74 31.31 11.71
CA GLU C 82 -5.98 32.01 12.73
C GLU C 82 -5.30 30.96 13.61
N GLU C 83 -4.18 31.31 14.23
CA GLU C 83 -3.50 30.32 15.06
C GLU C 83 -2.64 31.01 16.10
N PHE C 84 -2.30 30.25 17.14
CA PHE C 84 -1.53 30.72 18.29
C PHE C 84 -0.67 29.59 18.82
N GLN C 85 0.53 29.95 19.30
CA GLN C 85 1.47 29.01 19.92
C GLN C 85 1.90 29.58 21.26
N VAL C 86 1.87 28.76 22.31
CA VAL C 86 2.21 29.24 23.66
C VAL C 86 3.14 28.29 24.39
N PRO C 87 4.02 28.80 25.28
CA PRO C 87 4.95 27.95 26.02
C PRO C 87 4.37 27.38 27.31
N TYR C 88 3.05 27.41 27.46
CA TYR C 88 2.40 27.02 28.71
C TYR C 88 1.61 25.73 28.49
N ASN C 89 1.32 25.05 29.60
CA ASN C 89 0.62 23.78 29.55
C ASN C 89 -0.90 23.92 29.71
N LYS C 90 -1.42 25.14 29.82
CA LYS C 90 -2.87 25.36 29.96
C LYS C 90 -3.28 26.62 29.23
N LEU C 91 -4.53 26.64 28.78
CA LEU C 91 -5.10 27.79 28.08
C LEU C 91 -6.56 27.97 28.49
N GLN C 92 -7.12 29.14 28.17
CA GLN C 92 -8.55 29.40 28.36
C GLN C 92 -9.12 30.07 27.12
N VAL C 93 -10.30 29.61 26.70
CA VAL C 93 -11.03 30.16 25.55
C VAL C 93 -12.43 30.56 26.01
N ILE C 94 -12.81 31.81 25.78
CA ILE C 94 -14.10 32.33 26.22
C ILE C 94 -14.83 32.91 25.02
N PHE C 95 -15.97 32.32 24.67
CA PHE C 95 -16.84 32.82 23.61
C PHE C 95 -18.06 33.50 24.22
N LYS C 96 -18.32 34.75 23.81
CA LYS C 96 -19.45 35.50 24.33
C LYS C 96 -20.20 36.21 23.21
N SER C 97 -21.51 36.27 23.35
CA SER C 97 -22.41 36.87 22.36
C SER C 97 -23.48 37.70 23.05
N ASP C 98 -23.74 38.88 22.50
CA ASP C 98 -24.75 39.81 22.98
C ASP C 98 -26.14 39.34 22.54
N PHE C 99 -27.16 40.15 22.83
CA PHE C 99 -28.54 39.70 22.74
C PHE C 99 -29.12 39.69 21.33
N SER C 100 -28.37 40.08 20.29
CA SER C 100 -28.95 40.10 18.96
C SER C 100 -27.92 39.70 17.92
N ASN C 101 -28.41 39.12 16.82
CA ASN C 101 -27.62 38.86 15.62
C ASN C 101 -28.38 39.39 14.42
N GLU C 102 -27.76 40.31 13.70
CA GLU C 102 -28.40 40.96 12.55
C GLU C 102 -28.47 40.02 11.36
N GLU C 103 -27.43 39.21 11.17
CA GLU C 103 -27.35 38.22 10.11
C GLU C 103 -27.21 36.84 10.75
N ARG C 104 -27.04 35.82 9.91
CA ARG C 104 -26.81 34.46 10.38
C ARG C 104 -25.31 34.20 10.44
N PHE C 105 -24.81 33.83 11.62
CA PHE C 105 -23.39 33.63 11.85
C PHE C 105 -23.16 32.23 12.41
N THR C 106 -22.37 31.43 11.69
CA THR C 106 -22.19 30.02 12.00
C THR C 106 -21.23 29.76 13.15
N GLY C 107 -20.55 30.78 13.67
CA GLY C 107 -19.71 30.61 14.84
C GLY C 107 -18.23 30.42 14.54
N PHE C 108 -17.66 29.29 14.96
CA PHE C 108 -16.25 29.01 14.74
C PHE C 108 -15.98 27.55 15.04
N ALA C 109 -14.89 27.04 14.47
CA ALA C 109 -14.44 25.68 14.70
C ALA C 109 -12.91 25.68 14.80
N ALA C 110 -12.40 25.21 15.94
CA ALA C 110 -10.96 25.24 16.23
C ALA C 110 -10.51 23.92 16.86
N TYR C 111 -9.20 23.71 16.84
CA TYR C 111 -8.57 22.52 17.39
C TYR C 111 -7.24 22.89 18.05
N TYR C 112 -6.84 22.11 19.06
CA TYR C 112 -5.58 22.31 19.76
C TYR C 112 -4.78 21.03 19.82
N VAL C 113 -3.45 21.16 19.79
CA VAL C 113 -2.54 20.03 19.91
C VAL C 113 -1.39 20.41 20.85
N ALA C 114 -0.91 19.41 21.58
CA ALA C 114 0.20 19.59 22.51
C ALA C 114 1.54 19.41 21.78
N THR C 115 2.45 20.35 21.98
CA THR C 115 3.79 20.29 21.41
C THR C 115 4.83 20.24 22.53
N ASP C 116 5.95 19.57 22.25
CA ASP C 116 7.06 19.55 23.18
C ASP C 116 7.67 20.94 23.32
N ILE C 117 8.07 21.29 24.53
CA ILE C 117 8.90 22.47 24.75
C ILE C 117 10.35 22.05 24.60
N ASN C 118 11.06 22.71 23.69
CA ASN C 118 12.50 22.50 23.53
C ASN C 118 13.19 23.45 24.51
N GLU C 119 13.39 22.96 25.74
CA GLU C 119 13.82 23.83 26.83
C GLU C 119 15.16 24.50 26.54
N CYS C 120 16.00 23.87 25.72
CA CYS C 120 17.28 24.47 25.38
C CYS C 120 17.09 25.71 24.51
N THR C 121 16.29 25.62 23.46
CA THR C 121 16.19 26.66 22.44
C THR C 121 15.01 27.60 22.62
N ASP C 122 13.88 27.09 23.11
CA ASP C 122 12.66 27.90 23.14
C ASP C 122 12.73 29.08 24.10
N PHE C 123 13.59 29.03 25.11
CA PHE C 123 13.78 30.14 26.04
C PHE C 123 15.13 30.82 25.81
N VAL C 124 15.21 32.06 26.24
CA VAL C 124 16.47 32.79 26.19
C VAL C 124 17.41 32.29 27.28
N ASP C 125 16.87 31.99 28.47
CA ASP C 125 17.64 31.38 29.54
C ASP C 125 17.72 29.87 29.31
N VAL C 126 18.93 29.35 29.22
CA VAL C 126 19.17 27.93 28.99
C VAL C 126 19.56 27.29 30.32
N PRO C 127 18.84 26.26 30.80
CA PRO C 127 19.13 25.70 32.12
C PRO C 127 20.20 24.62 32.14
N CYS C 128 21.32 24.81 31.44
CA CYS C 128 22.46 23.91 31.52
C CYS C 128 23.74 24.70 31.38
N SER C 129 24.72 24.39 32.22
CA SER C 129 25.99 25.12 32.17
C SER C 129 26.76 24.82 30.89
N HIS C 130 26.83 23.56 30.47
CA HIS C 130 27.66 23.16 29.35
C HIS C 130 26.82 22.68 28.15
N PHE C 131 26.11 21.57 28.29
CA PHE C 131 25.36 21.01 27.17
C PHE C 131 23.94 20.72 27.60
N CYS C 132 22.99 21.03 26.71
CA CYS C 132 21.56 20.84 26.99
C CYS C 132 21.00 19.75 26.08
N ASN C 133 20.18 18.87 26.67
CA ASN C 133 19.51 17.81 25.94
C ASN C 133 18.00 17.99 26.07
N ASN C 134 17.32 18.14 24.93
CA ASN C 134 15.88 18.20 24.89
C ASN C 134 15.31 16.81 24.61
N PHE C 135 14.20 16.48 25.26
CA PHE C 135 13.43 15.32 24.85
C PHE C 135 11.94 15.64 24.99
N ILE C 136 11.13 14.80 24.35
CA ILE C 136 9.68 15.04 24.30
C ILE C 136 9.14 14.89 25.73
N GLY C 137 8.79 16.01 26.34
CA GLY C 137 8.29 16.05 27.69
C GLY C 137 9.28 16.50 28.75
N GLY C 138 10.54 16.77 28.39
CA GLY C 138 11.46 17.33 29.36
C GLY C 138 12.84 17.61 28.81
N TYR C 139 13.82 17.69 29.73
CA TYR C 139 15.19 18.01 29.35
C TYR C 139 16.14 17.45 30.41
N PHE C 140 17.42 17.34 30.04
CA PHE C 140 18.47 17.06 31.01
C PHE C 140 19.80 17.49 30.42
N CYS C 141 20.76 17.74 31.30
CA CYS C 141 22.04 18.35 30.93
C CYS C 141 23.14 17.31 30.78
N SER C 142 24.16 17.70 30.01
CA SER C 142 25.35 16.88 29.82
C SER C 142 26.61 17.76 29.76
N CYS C 143 27.80 17.09 29.75
CA CYS C 143 29.11 17.68 30.01
C CYS C 143 30.23 17.27 29.04
N PRO C 144 31.35 18.00 29.04
CA PRO C 144 32.46 17.68 28.13
C PRO C 144 33.37 16.59 28.71
N PRO C 145 34.47 16.25 28.03
CA PRO C 145 35.33 15.16 28.52
C PRO C 145 35.86 15.37 29.93
N GLU C 146 35.76 14.30 30.74
CA GLU C 146 36.25 14.25 32.12
C GLU C 146 35.69 15.40 32.96
N TYR C 147 34.43 15.73 32.71
CA TYR C 147 33.64 16.56 33.60
C TYR C 147 32.54 15.69 34.21
N PHE C 148 32.16 16.02 35.44
CA PHE C 148 31.11 15.31 36.15
C PHE C 148 30.03 16.31 36.58
N LEU C 149 28.77 15.90 36.39
CA LEU C 149 27.64 16.80 36.60
C LEU C 149 27.32 16.92 38.09
N HIS C 150 27.11 18.16 38.53
CA HIS C 150 26.96 18.45 39.94
C HIS C 150 25.54 18.10 40.43
N ASP C 151 25.41 18.00 41.76
CA ASP C 151 24.17 17.56 42.39
C ASP C 151 22.94 18.31 41.90
N ASP C 152 23.07 19.60 41.57
CA ASP C 152 21.91 20.39 41.17
C ASP C 152 21.32 19.99 39.81
N MET C 153 21.88 18.97 39.15
CA MET C 153 21.42 18.43 37.88
C MET C 153 21.58 19.43 36.74
N LYS C 154 22.24 20.56 36.96
CA LYS C 154 22.24 21.64 35.98
C LYS C 154 23.65 22.06 35.57
N ASN C 155 24.53 22.29 36.54
CA ASN C 155 25.88 22.78 36.29
C ASN C 155 26.91 21.66 36.47
N CYS C 156 27.96 21.69 35.67
CA CYS C 156 28.99 20.66 35.69
C CYS C 156 30.28 21.16 36.34
N GLY C 157 31.17 20.22 36.64
CA GLY C 157 32.45 20.55 37.28
C GLY C 157 33.50 19.54 36.90
N VAL C 158 34.76 19.98 36.87
CA VAL C 158 35.85 19.14 36.40
C VAL C 158 36.48 18.35 37.55
N ASN C 159 36.78 17.07 37.28
CA ASN C 159 37.68 16.24 38.06
C ASN C 159 38.96 15.98 37.28
N CYS C 160 40.07 15.78 37.98
CA CYS C 160 41.31 15.47 37.27
C CYS C 160 42.15 14.45 38.03
N SER C 161 41.49 13.60 38.81
CA SER C 161 42.14 12.58 39.60
C SER C 161 41.31 11.31 39.51
N GLY C 162 41.89 10.21 39.96
CA GLY C 162 41.29 8.91 39.83
C GLY C 162 41.85 8.08 38.69
N ASP C 163 42.63 8.67 37.79
CA ASP C 163 43.15 7.97 36.63
C ASP C 163 44.62 7.66 36.91
N VAL C 164 44.95 6.37 36.96
CA VAL C 164 46.32 5.93 37.12
C VAL C 164 46.80 5.32 35.81
N PHE C 165 47.90 5.86 35.28
CA PHE C 165 48.44 5.45 33.99
C PHE C 165 49.45 4.32 34.19
N THR C 166 49.17 3.16 33.58
CA THR C 166 50.05 2.01 33.63
C THR C 166 50.65 1.64 32.28
N ALA C 167 50.18 2.25 31.20
CA ALA C 167 50.72 1.96 29.88
C ALA C 167 52.16 2.44 29.76
N LEU C 168 52.96 1.70 28.98
CA LEU C 168 54.36 2.08 28.78
C LEU C 168 54.48 3.31 27.91
N ILE C 169 53.65 3.43 26.88
CA ILE C 169 53.62 4.59 26.00
C ILE C 169 52.21 5.16 26.04
N GLY C 170 52.10 6.44 26.37
CA GLY C 170 50.76 7.02 26.48
C GLY C 170 50.77 8.52 26.32
N GLU C 171 49.56 9.10 26.31
CA GLU C 171 49.38 10.53 26.12
C GLU C 171 48.71 11.16 27.34
N ILE C 172 49.01 12.44 27.56
CA ILE C 172 48.33 13.26 28.56
C ILE C 172 48.19 14.67 28.00
N ALA C 173 47.04 15.31 28.27
CA ALA C 173 46.82 16.69 27.86
C ALA C 173 46.15 17.45 28.99
N SER C 174 46.12 18.77 28.85
CA SER C 174 45.36 19.59 29.77
C SER C 174 43.87 19.48 29.43
N PRO C 175 43.00 19.69 30.42
CA PRO C 175 41.55 19.56 30.16
C PRO C 175 41.08 20.60 29.17
N ASN C 176 40.10 20.20 28.35
CA ASN C 176 39.48 20.96 27.27
C ASN C 176 40.40 21.15 26.07
N TYR C 177 41.62 20.64 26.10
CA TYR C 177 42.60 20.96 25.06
C TYR C 177 42.04 20.57 23.69
N PRO C 178 42.25 21.41 22.65
CA PRO C 178 43.03 22.66 22.71
C PRO C 178 42.28 23.91 23.18
N LYS C 179 41.09 23.76 23.75
CA LYS C 179 40.38 24.90 24.31
C LYS C 179 41.02 25.33 25.64
N PRO C 180 40.73 26.53 26.12
CA PRO C 180 41.43 27.05 27.31
C PRO C 180 41.16 26.22 28.55
N TYR C 181 42.18 26.15 29.41
CA TYR C 181 42.08 25.33 30.61
C TYR C 181 41.18 25.99 31.66
N PRO C 182 40.54 25.19 32.51
CA PRO C 182 39.64 25.76 33.53
C PRO C 182 40.40 26.48 34.63
N GLU C 183 39.77 27.50 35.18
CA GLU C 183 40.35 28.31 36.23
C GLU C 183 40.21 27.66 37.61
N ASN C 184 41.09 28.06 38.52
CA ASN C 184 41.00 27.72 39.94
C ASN C 184 40.97 26.21 40.17
N SER C 185 41.84 25.49 39.46
CA SER C 185 41.89 24.03 39.53
C SER C 185 43.33 23.55 39.71
N ARG C 186 43.46 22.38 40.34
CA ARG C 186 44.73 21.68 40.51
C ARG C 186 44.58 20.29 39.91
N CYS C 187 45.24 20.05 38.78
CA CYS C 187 45.12 18.81 38.03
C CYS C 187 46.39 17.98 38.21
N GLU C 188 46.26 16.83 38.88
CA GLU C 188 47.39 15.93 39.09
C GLU C 188 47.15 14.61 38.35
N TYR C 189 48.06 14.26 37.45
CA TYR C 189 48.04 12.99 36.73
C TYR C 189 49.22 12.15 37.15
N GLN C 190 49.02 10.83 37.29
CA GLN C 190 50.00 9.93 37.88
C GLN C 190 50.35 8.79 36.94
N ILE C 191 51.65 8.59 36.71
CA ILE C 191 52.18 7.50 35.89
C ILE C 191 52.93 6.53 36.79
N ARG C 192 52.63 5.24 36.65
CA ARG C 192 53.21 4.18 37.47
C ARG C 192 53.66 3.02 36.59
N LEU C 193 54.97 2.83 36.46
CA LEU C 193 55.57 1.78 35.64
C LEU C 193 56.29 0.74 36.50
N GLU C 194 56.86 -0.26 35.83
CA GLU C 194 57.75 -1.23 36.44
C GLU C 194 59.00 -0.53 37.00
N LYS C 195 59.62 -1.18 37.98
CA LYS C 195 60.77 -0.57 38.67
C LYS C 195 61.90 -0.26 37.70
N GLY C 196 62.12 -1.13 36.72
CA GLY C 196 63.29 -1.02 35.86
C GLY C 196 63.22 0.07 34.82
N PHE C 197 62.05 0.64 34.57
CA PHE C 197 61.89 1.63 33.51
C PHE C 197 62.01 3.06 34.02
N GLN C 198 62.30 3.96 33.08
CA GLN C 198 62.31 5.40 33.30
C GLN C 198 61.22 6.03 32.46
N VAL C 199 60.45 6.92 33.09
CA VAL C 199 59.46 7.74 32.38
C VAL C 199 60.19 8.89 31.69
N VAL C 200 60.10 8.95 30.37
CA VAL C 200 60.63 10.07 29.60
C VAL C 200 59.45 10.78 28.94
N VAL C 201 59.34 12.08 29.21
CA VAL C 201 58.23 12.91 28.79
C VAL C 201 58.67 13.75 27.59
N THR C 202 57.93 13.64 26.50
CA THR C 202 58.10 14.50 25.34
C THR C 202 56.87 15.38 25.16
N LEU C 203 57.10 16.65 24.87
CA LEU C 203 56.03 17.55 24.48
C LEU C 203 56.58 18.63 23.57
N ARG C 204 55.83 18.95 22.52
CA ARG C 204 56.32 19.85 21.48
C ARG C 204 56.47 21.26 22.01
N ARG C 205 57.56 21.93 21.61
CA ARG C 205 57.82 23.30 22.05
C ARG C 205 56.66 24.23 21.71
N GLU C 206 55.95 23.97 20.62
CA GLU C 206 54.81 24.80 20.22
C GLU C 206 53.50 24.39 20.88
N ASP C 207 53.41 23.20 21.45
CA ASP C 207 52.16 22.74 22.07
C ASP C 207 52.12 23.09 23.56
N PHE C 208 52.39 24.35 23.88
CA PHE C 208 52.45 24.77 25.28
C PHE C 208 52.21 26.27 25.35
N ASP C 209 51.13 26.68 26.02
CA ASP C 209 50.84 28.10 26.21
C ASP C 209 50.08 28.25 27.52
N VAL C 210 50.77 28.69 28.57
CA VAL C 210 50.21 28.87 29.90
C VAL C 210 50.42 30.31 30.31
N GLU C 211 49.53 30.82 31.16
CA GLU C 211 49.62 32.19 31.66
C GLU C 211 51.03 32.54 32.09
N ALA C 212 51.53 33.67 31.59
CA ALA C 212 52.92 34.05 31.80
C ALA C 212 53.18 34.41 33.26
N ALA C 213 54.46 34.45 33.60
CA ALA C 213 54.90 34.82 34.94
C ALA C 213 54.79 36.33 35.15
N ASP C 214 54.88 36.72 36.42
CA ASP C 214 54.93 38.13 36.76
C ASP C 214 56.29 38.74 36.38
N SER C 215 56.42 40.04 36.63
CA SER C 215 57.68 40.74 36.36
C SER C 215 58.86 40.06 37.05
N ALA C 216 58.66 39.60 38.28
CA ALA C 216 59.74 38.96 39.03
C ALA C 216 60.08 37.56 38.52
N GLY C 217 59.29 37.01 37.61
CA GLY C 217 59.55 35.70 37.04
C GLY C 217 58.90 34.53 37.73
N ASN C 218 57.98 34.78 38.66
CA ASN C 218 57.23 33.72 39.32
C ASN C 218 55.97 33.38 38.52
N CYS C 219 55.80 32.10 38.21
CA CYS C 219 54.65 31.67 37.42
C CYS C 219 53.36 31.84 38.21
N LEU C 220 52.40 32.59 37.64
CA LEU C 220 51.10 32.73 38.27
C LEU C 220 50.24 31.48 38.05
N ASP C 221 50.33 30.86 36.88
CA ASP C 221 49.85 29.52 36.63
C ASP C 221 51.04 28.65 36.27
N SER C 222 51.05 27.40 36.74
CA SER C 222 52.27 26.60 36.62
C SER C 222 51.95 25.14 36.32
N LEU C 223 52.94 24.48 35.71
CA LEU C 223 52.95 23.05 35.47
C LEU C 223 54.28 22.49 35.98
N VAL C 224 54.23 21.34 36.65
CA VAL C 224 55.43 20.85 37.32
C VAL C 224 55.40 19.32 37.39
N PHE C 225 56.55 18.70 37.16
CA PHE C 225 56.74 17.26 37.22
C PHE C 225 57.51 16.91 38.49
N VAL C 226 56.98 15.98 39.28
CA VAL C 226 57.62 15.50 40.50
C VAL C 226 58.02 14.05 40.28
N ALA C 227 59.32 13.77 40.43
CA ALA C 227 59.86 12.42 40.35
C ALA C 227 60.65 12.13 41.62
N GLY C 228 59.98 11.64 42.65
CA GLY C 228 60.63 11.32 43.90
C GLY C 228 61.30 12.54 44.52
N ASP C 229 62.63 12.57 44.45
CA ASP C 229 63.39 13.72 44.92
C ASP C 229 63.54 14.80 43.86
N ARG C 230 63.73 14.41 42.59
CA ARG C 230 63.84 15.40 41.52
C ARG C 230 62.49 16.06 41.23
N GLN C 231 62.59 17.26 40.66
CA GLN C 231 61.43 18.07 40.32
C GLN C 231 61.79 18.96 39.13
N PHE C 232 60.91 18.98 38.12
CA PHE C 232 61.10 19.76 36.90
C PHE C 232 59.98 20.79 36.81
N GLY C 233 60.36 22.07 36.77
CA GLY C 233 59.39 23.13 36.75
C GLY C 233 59.60 24.09 37.90
N PRO C 234 58.67 25.05 38.07
CA PRO C 234 57.43 25.28 37.30
C PRO C 234 57.65 25.87 35.91
N TYR C 235 56.83 25.44 34.95
CA TYR C 235 56.89 25.90 33.58
C TYR C 235 55.66 26.76 33.27
N CYS C 236 55.87 27.86 32.53
CA CYS C 236 54.76 28.72 32.14
C CYS C 236 55.22 29.61 30.99
N GLY C 237 54.27 30.35 30.44
CA GLY C 237 54.51 31.21 29.30
C GLY C 237 54.04 30.59 27.99
N HIS C 238 54.23 31.34 26.91
CA HIS C 238 53.91 30.86 25.57
C HIS C 238 55.14 30.16 25.00
N GLY C 239 55.03 28.85 24.81
CA GLY C 239 56.16 28.07 24.34
C GLY C 239 56.80 27.30 25.49
N PHE C 240 57.07 26.02 25.28
CA PHE C 240 57.65 25.22 26.34
C PHE C 240 59.12 25.60 26.56
N PRO C 241 59.51 26.05 27.75
CA PRO C 241 60.89 26.51 27.94
C PRO C 241 61.91 25.38 28.06
N GLY C 242 61.48 24.21 28.48
CA GLY C 242 62.37 23.07 28.59
C GLY C 242 62.65 22.43 27.25
N PRO C 243 63.59 21.49 27.25
CA PRO C 243 63.88 20.75 26.02
C PRO C 243 62.68 19.88 25.63
N LEU C 244 62.63 19.57 24.33
CA LEU C 244 61.50 18.83 23.79
C LEU C 244 61.47 17.39 24.27
N ASN C 245 62.62 16.86 24.72
CA ASN C 245 62.74 15.51 25.27
C ASN C 245 63.27 15.63 26.69
N ILE C 246 62.51 15.15 27.67
CA ILE C 246 62.88 15.28 29.07
C ILE C 246 62.98 13.89 29.70
N GLU C 247 64.07 13.66 30.43
CA GLU C 247 64.33 12.42 31.15
C GLU C 247 64.15 12.69 32.65
N THR C 248 63.25 11.94 33.28
CA THR C 248 62.97 12.11 34.70
C THR C 248 63.78 11.19 35.59
N LYS C 249 64.29 10.08 35.07
CA LYS C 249 64.98 9.06 35.86
C LYS C 249 64.12 8.59 37.04
N SER C 250 62.94 8.07 36.71
CA SER C 250 62.01 7.57 37.70
C SER C 250 60.95 6.73 37.02
N ASN C 251 60.50 5.68 37.70
CA ASN C 251 59.43 4.82 37.19
C ASN C 251 58.04 5.28 37.61
N ALA C 252 57.92 6.22 38.55
CA ALA C 252 56.66 6.78 38.96
C ALA C 252 56.75 8.30 38.93
N LEU C 253 55.77 8.95 38.28
CA LEU C 253 55.83 10.38 38.05
C LEU C 253 54.49 11.04 38.36
N ASP C 254 54.54 12.19 39.03
CA ASP C 254 53.35 12.97 39.35
C ASP C 254 53.42 14.32 38.62
N ILE C 255 52.45 14.61 37.76
CA ILE C 255 52.42 15.87 37.03
C ILE C 255 51.28 16.73 37.58
N ILE C 256 51.64 17.92 38.08
CA ILE C 256 50.72 18.82 38.78
C ILE C 256 50.53 20.08 37.95
N PHE C 257 49.30 20.58 37.89
CA PHE C 257 48.91 21.71 37.04
C PHE C 257 48.03 22.65 37.85
N GLN C 258 48.60 23.81 38.23
CA GLN C 258 47.92 24.78 39.09
C GLN C 258 47.51 26.03 38.30
N THR C 259 46.26 26.47 38.48
CA THR C 259 45.72 27.67 37.85
C THR C 259 44.99 28.51 38.89
N ASP C 260 45.03 29.83 38.70
CA ASP C 260 44.32 30.78 39.54
C ASP C 260 42.99 31.19 38.89
N LEU C 261 42.35 32.25 39.44
CA LEU C 261 40.97 32.56 39.10
C LEU C 261 40.83 33.09 37.67
N THR C 262 41.73 33.97 37.24
CA THR C 262 41.65 34.53 35.89
C THR C 262 43.04 34.53 35.27
N GLY C 263 43.07 34.83 33.98
CA GLY C 263 44.30 34.66 33.21
C GLY C 263 44.53 33.24 32.74
N GLN C 264 43.67 32.76 31.85
CA GLN C 264 43.81 31.43 31.27
C GLN C 264 44.37 31.51 29.85
N LYS C 265 44.77 30.35 29.33
CA LYS C 265 45.38 30.26 28.01
C LYS C 265 45.07 28.90 27.39
N LYS C 266 45.52 28.73 26.14
CA LYS C 266 45.34 27.51 25.38
C LYS C 266 45.60 26.23 26.18
N GLY C 267 46.83 26.07 26.69
CA GLY C 267 47.19 24.89 27.43
C GLY C 267 48.32 24.11 26.74
N TRP C 268 48.37 22.81 27.02
CA TRP C 268 49.50 21.98 26.68
C TRP C 268 49.06 20.55 26.36
N LYS C 269 49.96 19.81 25.71
CA LYS C 269 49.77 18.40 25.37
C LYS C 269 51.12 17.69 25.40
N LEU C 270 51.12 16.41 25.74
CA LEU C 270 52.35 15.64 25.86
C LEU C 270 52.11 14.15 25.62
N ARG C 271 53.22 13.45 25.35
CA ARG C 271 53.27 12.00 25.20
C ARG C 271 54.52 11.47 25.89
N TYR C 272 54.37 10.35 26.60
CA TYR C 272 55.47 9.76 27.37
C TYR C 272 55.74 8.33 26.91
N HIS C 273 57.02 7.95 26.99
CA HIS C 273 57.43 6.56 26.77
C HIS C 273 58.47 6.17 27.82
N GLY C 274 58.93 4.91 27.74
CA GLY C 274 59.84 4.36 28.73
C GLY C 274 61.25 4.06 28.23
N ASP C 275 62.22 4.04 29.14
CA ASP C 275 63.59 3.61 28.80
C ASP C 275 64.24 2.82 29.93
N PRO C 276 64.86 1.66 29.62
CA PRO C 276 65.55 0.88 30.67
C PRO C 276 66.81 1.57 31.19
N PRO D 2 -2.92 -33.28 -2.98
CA PRO D 2 -3.51 -32.36 -3.97
C PRO D 2 -3.42 -30.90 -3.53
N THR D 3 -2.97 -30.04 -4.43
CA THR D 3 -2.83 -28.61 -4.17
C THR D 3 -3.39 -27.81 -5.33
N MET D 4 -3.50 -26.50 -5.11
CA MET D 4 -3.96 -25.56 -6.14
C MET D 4 -2.82 -24.91 -6.90
N TYR D 5 -1.57 -25.18 -6.50
CA TYR D 5 -0.39 -24.54 -7.09
C TYR D 5 0.82 -25.36 -6.71
N GLY D 6 1.92 -25.17 -7.45
CA GLY D 6 3.14 -25.84 -7.05
C GLY D 6 4.32 -25.47 -7.92
N GLU D 7 5.50 -25.83 -7.42
CA GLU D 7 6.79 -25.56 -8.01
C GLU D 7 7.51 -26.87 -8.32
N ILE D 8 8.11 -26.96 -9.49
CA ILE D 8 8.95 -28.11 -9.84
C ILE D 8 10.26 -27.61 -10.43
N LEU D 9 11.37 -28.02 -9.83
CA LEU D 9 12.70 -27.65 -10.27
C LEU D 9 13.48 -28.88 -10.68
N SER D 10 14.43 -28.71 -11.59
CA SER D 10 15.36 -29.78 -11.90
C SER D 10 16.22 -30.09 -10.68
N PRO D 11 16.64 -31.34 -10.51
CA PRO D 11 17.55 -31.66 -9.39
C PRO D 11 18.75 -30.75 -9.40
N ASN D 12 19.09 -30.24 -8.21
CA ASN D 12 20.28 -29.41 -8.00
C ASN D 12 20.17 -28.04 -8.66
N TYR D 13 18.95 -27.55 -8.88
CA TYR D 13 18.75 -26.26 -9.51
C TYR D 13 19.34 -25.14 -8.64
N PRO D 14 19.93 -24.09 -9.26
CA PRO D 14 20.15 -23.95 -10.70
C PRO D 14 21.54 -24.37 -11.15
N GLN D 15 22.10 -25.39 -10.51
CA GLN D 15 23.42 -25.89 -10.85
C GLN D 15 23.32 -26.90 -11.99
N ALA D 16 24.44 -27.54 -12.31
CA ALA D 16 24.41 -28.61 -13.31
C ALA D 16 23.72 -29.84 -12.74
N TYR D 17 22.90 -30.52 -13.60
CA TYR D 17 22.18 -31.66 -13.06
C TYR D 17 23.02 -32.93 -13.15
N PRO D 18 22.79 -33.90 -12.28
CA PRO D 18 23.52 -35.17 -12.35
C PRO D 18 23.12 -35.98 -13.57
N SER D 19 24.04 -36.82 -14.02
CA SER D 19 23.81 -37.70 -15.15
C SER D 19 23.18 -39.01 -14.69
N GLU D 20 22.65 -39.77 -15.66
CA GLU D 20 22.00 -41.06 -15.42
C GLU D 20 20.91 -40.94 -14.36
N VAL D 21 19.98 -40.00 -14.56
CA VAL D 21 18.89 -39.85 -13.62
C VAL D 21 17.56 -40.02 -14.34
N GLU D 22 16.55 -40.48 -13.59
CA GLU D 22 15.16 -40.50 -14.04
C GLU D 22 14.27 -40.17 -12.86
N LYS D 23 13.89 -38.90 -12.72
CA LYS D 23 13.03 -38.44 -11.65
C LYS D 23 11.63 -38.15 -12.19
N SER D 24 10.61 -38.44 -11.40
CA SER D 24 9.23 -38.23 -11.78
C SER D 24 8.48 -37.46 -10.70
N TRP D 25 7.55 -36.62 -11.15
CA TRP D 25 6.63 -35.89 -10.28
C TRP D 25 5.19 -36.10 -10.76
N ASP D 26 4.29 -36.32 -9.81
CA ASP D 26 2.86 -36.47 -10.09
C ASP D 26 2.10 -35.26 -9.59
N ILE D 27 1.61 -34.44 -10.53
CA ILE D 27 0.80 -33.26 -10.20
C ILE D 27 -0.64 -33.68 -9.98
N GLU D 28 -1.30 -33.07 -9.00
CA GLU D 28 -2.68 -33.42 -8.66
C GLU D 28 -3.42 -32.19 -8.14
N VAL D 29 -4.54 -31.87 -8.75
CA VAL D 29 -5.44 -30.83 -8.27
C VAL D 29 -6.79 -31.48 -8.00
N PRO D 30 -7.67 -30.82 -7.23
CA PRO D 30 -8.98 -31.42 -6.94
C PRO D 30 -9.88 -31.51 -8.16
N GLU D 31 -11.02 -32.16 -7.94
CA GLU D 31 -11.99 -32.45 -9.00
C GLU D 31 -12.47 -31.17 -9.68
N GLY D 32 -12.70 -31.28 -10.98
CA GLY D 32 -13.25 -30.18 -11.76
C GLY D 32 -12.31 -29.02 -11.98
N TYR D 33 -11.01 -29.23 -11.83
CA TYR D 33 -10.01 -28.23 -12.18
C TYR D 33 -9.14 -28.72 -13.32
N GLY D 34 -8.83 -27.81 -14.25
CA GLY D 34 -7.78 -28.04 -15.23
C GLY D 34 -6.44 -27.59 -14.68
N ILE D 35 -5.39 -27.81 -15.47
CA ILE D 35 -4.04 -27.51 -15.01
C ILE D 35 -3.31 -26.67 -16.06
N HIS D 36 -2.63 -25.63 -15.59
CA HIS D 36 -1.75 -24.78 -16.38
C HIS D 36 -0.33 -25.00 -15.88
N LEU D 37 0.49 -25.67 -16.69
CA LEU D 37 1.88 -25.97 -16.35
C LEU D 37 2.80 -25.19 -17.28
N TYR D 38 3.67 -24.36 -16.70
CA TYR D 38 4.49 -23.46 -17.50
C TYR D 38 5.92 -23.43 -16.96
N PHE D 39 6.86 -23.22 -17.88
CA PHE D 39 8.29 -23.33 -17.63
C PHE D 39 8.92 -21.94 -17.65
N THR D 40 9.52 -21.55 -16.53
CA THR D 40 10.22 -20.27 -16.46
C THR D 40 11.68 -20.37 -16.87
N HIS D 41 12.28 -21.57 -16.88
CA HIS D 41 13.68 -21.68 -17.26
C HIS D 41 13.92 -23.03 -17.94
N LEU D 42 14.65 -23.01 -19.05
CA LEU D 42 14.91 -24.22 -19.83
C LEU D 42 16.34 -24.16 -20.39
N ASP D 43 17.20 -25.05 -19.90
CA ASP D 43 18.57 -25.20 -20.41
C ASP D 43 18.95 -26.67 -20.21
N ILE D 44 18.68 -27.48 -21.23
CA ILE D 44 18.88 -28.93 -21.16
C ILE D 44 19.70 -29.37 -22.36
N GLU D 45 20.45 -30.47 -22.18
CA GLU D 45 21.28 -31.02 -23.25
C GLU D 45 20.46 -31.26 -24.52
N LEU D 46 20.92 -30.68 -25.63
CA LEU D 46 20.16 -30.64 -26.87
C LEU D 46 20.46 -31.89 -27.70
N SER D 47 19.40 -32.61 -28.07
CA SER D 47 19.49 -33.79 -28.92
C SER D 47 18.24 -33.87 -29.78
N GLU D 48 18.36 -34.47 -30.95
CA GLU D 48 17.22 -34.56 -31.85
C GLU D 48 16.18 -35.53 -31.29
N ASN D 49 14.92 -35.09 -31.31
CA ASN D 49 13.81 -35.79 -30.67
C ASN D 49 14.05 -35.96 -29.17
N CYS D 50 14.83 -35.04 -28.59
CA CYS D 50 15.23 -35.06 -27.18
C CYS D 50 15.58 -36.48 -26.71
N ALA D 51 16.56 -37.05 -27.40
CA ALA D 51 16.94 -38.45 -27.15
C ALA D 51 17.76 -38.59 -25.88
N TYR D 52 18.91 -37.91 -25.81
CA TYR D 52 19.81 -38.06 -24.68
C TYR D 52 19.19 -37.64 -23.37
N ASP D 53 18.91 -36.34 -23.21
CA ASP D 53 18.29 -35.80 -22.02
C ASP D 53 16.97 -35.14 -22.39
N SER D 54 15.99 -35.21 -21.49
CA SER D 54 14.69 -34.68 -21.81
C SER D 54 13.87 -34.45 -20.55
N VAL D 55 12.89 -33.56 -20.67
CA VAL D 55 11.83 -33.40 -19.67
C VAL D 55 10.50 -33.65 -20.37
N GLN D 56 9.65 -34.46 -19.74
CA GLN D 56 8.54 -35.11 -20.41
C GLN D 56 7.24 -34.79 -19.67
N ILE D 57 6.19 -34.50 -20.43
CA ILE D 57 4.88 -34.18 -19.87
C ILE D 57 3.88 -35.20 -20.40
N ILE D 58 3.34 -36.01 -19.49
CA ILE D 58 2.38 -37.08 -19.81
C ILE D 58 1.12 -36.83 -18.99
N SER D 59 -0.03 -36.79 -19.66
CA SER D 59 -1.32 -36.72 -19.01
C SER D 59 -2.04 -38.05 -19.23
N GLY D 60 -2.25 -38.80 -18.16
CA GLY D 60 -2.89 -40.10 -18.27
C GLY D 60 -2.01 -41.11 -18.98
N ASP D 61 -2.36 -41.41 -20.24
CA ASP D 61 -1.61 -42.33 -21.06
C ASP D 61 -0.85 -41.66 -22.19
N THR D 62 -1.14 -40.39 -22.50
CA THR D 62 -0.66 -39.72 -23.69
C THR D 62 0.38 -38.66 -23.36
N GLU D 63 1.37 -38.52 -24.24
CA GLU D 63 2.50 -37.60 -24.03
C GLU D 63 2.09 -36.20 -24.48
N GLU D 64 1.83 -35.32 -23.52
CA GLU D 64 1.49 -33.94 -23.85
C GLU D 64 2.70 -33.13 -24.30
N GLY D 65 3.92 -33.55 -24.00
CA GLY D 65 5.06 -32.81 -24.54
C GLY D 65 6.37 -33.45 -24.15
N ARG D 66 7.42 -32.94 -24.81
CA ARG D 66 8.80 -33.38 -24.56
C ARG D 66 9.72 -32.22 -24.92
N LEU D 67 10.49 -31.74 -23.95
CA LEU D 67 11.33 -30.56 -24.11
C LEU D 67 12.79 -30.89 -23.83
N CYS D 68 13.66 -30.20 -24.57
CA CYS D 68 15.10 -30.20 -24.36
C CYS D 68 15.67 -28.98 -25.06
N GLY D 69 16.95 -28.70 -24.80
CA GLY D 69 17.64 -27.60 -25.46
C GLY D 69 17.79 -26.39 -24.58
N GLN D 70 18.53 -25.40 -25.10
CA GLN D 70 18.76 -24.12 -24.46
C GLN D 70 17.77 -23.11 -25.01
N ARG D 71 16.95 -22.53 -24.12
CA ARG D 71 15.91 -21.60 -24.55
C ARG D 71 15.55 -20.64 -23.43
N SER D 72 15.39 -19.37 -23.79
CA SER D 72 14.95 -18.31 -22.88
C SER D 72 13.79 -17.56 -23.50
N SER D 73 13.04 -16.86 -22.65
CA SER D 73 11.79 -16.21 -23.06
C SER D 73 12.05 -15.08 -24.04
N ASN D 74 11.34 -15.11 -25.18
CA ASN D 74 11.44 -14.07 -26.18
C ASN D 74 10.65 -12.83 -25.79
N ASN D 75 9.47 -13.00 -25.20
CA ASN D 75 8.68 -11.85 -24.76
C ASN D 75 9.34 -11.19 -23.55
N PRO D 76 9.68 -9.90 -23.61
CA PRO D 76 10.15 -9.22 -22.39
C PRO D 76 9.04 -8.95 -21.40
N HIS D 77 7.78 -9.04 -21.84
CA HIS D 77 6.63 -8.85 -20.96
C HIS D 77 6.18 -10.13 -20.26
N SER D 78 6.80 -11.27 -20.58
CA SER D 78 6.41 -12.54 -19.97
C SER D 78 7.63 -13.41 -19.67
N PRO D 79 7.66 -14.06 -18.51
CA PRO D 79 8.76 -14.98 -18.19
C PRO D 79 8.54 -16.40 -18.71
N ILE D 80 7.41 -16.67 -19.33
CA ILE D 80 7.04 -18.03 -19.72
C ILE D 80 7.79 -18.40 -20.99
N VAL D 81 8.35 -19.62 -21.01
CA VAL D 81 9.13 -20.11 -22.14
C VAL D 81 8.39 -21.22 -22.89
N GLU D 82 7.81 -22.16 -22.16
CA GLU D 82 6.92 -23.19 -22.72
C GLU D 82 5.76 -23.36 -21.76
N GLU D 83 4.61 -23.79 -22.29
CA GLU D 83 3.45 -23.93 -21.41
C GLU D 83 2.45 -24.91 -21.99
N PHE D 84 1.57 -25.41 -21.11
CA PHE D 84 0.58 -26.41 -21.44
C PHE D 84 -0.66 -26.19 -20.58
N GLN D 85 -1.83 -26.43 -21.16
CA GLN D 85 -3.12 -26.33 -20.48
C GLN D 85 -3.91 -27.61 -20.72
N VAL D 86 -4.46 -28.20 -19.67
CA VAL D 86 -5.18 -29.46 -19.82
C VAL D 86 -6.49 -29.41 -19.04
N PRO D 87 -7.50 -30.15 -19.53
CA PRO D 87 -8.80 -30.19 -18.85
C PRO D 87 -8.87 -31.27 -17.77
N TYR D 88 -7.72 -31.75 -17.31
CA TYR D 88 -7.63 -32.88 -16.39
C TYR D 88 -7.15 -32.40 -15.03
N ASN D 89 -7.45 -33.20 -14.01
CA ASN D 89 -7.07 -32.86 -12.64
C ASN D 89 -5.72 -33.43 -12.21
N LYS D 90 -5.01 -34.15 -13.09
CA LYS D 90 -3.71 -34.71 -12.72
C LYS D 90 -2.77 -34.66 -13.93
N LEU D 91 -1.47 -34.60 -13.62
CA LEU D 91 -0.42 -34.60 -14.63
C LEU D 91 0.77 -35.42 -14.14
N GLN D 92 1.67 -35.74 -15.08
CA GLN D 92 2.95 -36.38 -14.74
C GLN D 92 4.09 -35.71 -15.51
N VAL D 93 5.20 -35.46 -14.81
CA VAL D 93 6.40 -34.85 -15.39
C VAL D 93 7.59 -35.76 -15.10
N ILE D 94 8.31 -36.18 -16.15
CA ILE D 94 9.43 -37.10 -16.01
C ILE D 94 10.69 -36.48 -16.63
N PHE D 95 11.71 -36.21 -15.82
CA PHE D 95 12.99 -35.70 -16.29
C PHE D 95 14.02 -36.83 -16.27
N LYS D 96 14.69 -37.05 -17.40
CA LYS D 96 15.68 -38.12 -17.50
C LYS D 96 16.92 -37.64 -18.24
N SER D 97 18.09 -38.10 -17.79
CA SER D 97 19.38 -37.70 -18.34
C SER D 97 20.31 -38.91 -18.45
N ASP D 98 21.02 -38.98 -19.58
CA ASP D 98 22.01 -40.01 -19.88
C ASP D 98 23.32 -39.73 -19.13
N PHE D 99 24.33 -40.56 -19.37
CA PHE D 99 25.51 -40.55 -18.51
C PHE D 99 26.53 -39.45 -18.82
N SER D 100 26.29 -38.57 -19.80
CA SER D 100 27.28 -37.55 -20.11
C SER D 100 26.60 -36.24 -20.49
N ASN D 101 27.30 -35.13 -20.24
CA ASN D 101 26.91 -33.80 -20.68
C ASN D 101 28.10 -33.10 -21.34
N GLU D 102 27.91 -32.63 -22.57
CA GLU D 102 29.02 -31.98 -23.28
C GLU D 102 29.32 -30.60 -22.68
N GLU D 103 28.30 -29.86 -22.31
CA GLU D 103 28.46 -28.56 -21.67
C GLU D 103 27.79 -28.59 -20.29
N ARG D 104 27.76 -27.44 -19.63
CA ARG D 104 27.08 -27.29 -18.36
C ARG D 104 25.65 -26.84 -18.63
N PHE D 105 24.68 -27.60 -18.15
CA PHE D 105 23.28 -27.35 -18.40
C PHE D 105 22.54 -27.24 -17.08
N THR D 106 21.93 -26.08 -16.83
CA THR D 106 21.33 -25.74 -15.55
C THR D 106 19.99 -26.42 -15.29
N GLY D 107 19.43 -27.12 -16.28
CA GLY D 107 18.21 -27.87 -16.06
C GLY D 107 16.93 -27.15 -16.48
N PHE D 108 16.02 -26.92 -15.56
CA PHE D 108 14.75 -26.26 -15.87
C PHE D 108 14.08 -25.86 -14.57
N ALA D 109 13.19 -24.87 -14.66
CA ALA D 109 12.39 -24.42 -13.55
C ALA D 109 10.98 -24.13 -14.06
N ALA D 110 9.99 -24.80 -13.48
CA ALA D 110 8.59 -24.72 -13.92
C ALA D 110 7.65 -24.62 -12.73
N TYR D 111 6.42 -24.20 -13.01
CA TYR D 111 5.37 -24.03 -12.00
C TYR D 111 4.03 -24.43 -12.60
N TYR D 112 3.13 -24.91 -11.73
CA TYR D 112 1.78 -25.29 -12.15
C TYR D 112 0.74 -24.61 -11.27
N VAL D 113 -0.42 -24.31 -11.86
CA VAL D 113 -1.54 -23.73 -11.14
C VAL D 113 -2.83 -24.41 -11.56
N ALA D 114 -3.76 -24.53 -10.62
CA ALA D 114 -5.08 -25.11 -10.88
C ALA D 114 -6.04 -24.04 -11.38
N THR D 115 -6.74 -24.34 -12.48
CA THR D 115 -7.73 -23.44 -13.03
C THR D 115 -9.11 -24.09 -13.00
N ASP D 116 -10.14 -23.28 -12.84
CA ASP D 116 -11.51 -23.78 -12.93
C ASP D 116 -11.79 -24.25 -14.36
N ILE D 117 -12.54 -25.35 -14.47
CA ILE D 117 -13.11 -25.76 -15.75
C ILE D 117 -14.44 -25.06 -15.90
N ASN D 118 -14.59 -24.30 -16.99
CA ASN D 118 -15.88 -23.71 -17.33
C ASN D 118 -16.62 -24.76 -18.15
N GLU D 119 -17.36 -25.63 -17.45
CA GLU D 119 -17.93 -26.82 -18.09
C GLU D 119 -18.87 -26.46 -19.23
N CYS D 120 -19.49 -25.28 -19.19
CA CYS D 120 -20.38 -24.87 -20.26
C CYS D 120 -19.60 -24.58 -21.55
N THR D 121 -18.54 -23.80 -21.45
CA THR D 121 -17.85 -23.28 -22.62
C THR D 121 -16.61 -24.07 -23.02
N ASP D 122 -15.86 -24.60 -22.05
CA ASP D 122 -14.57 -25.21 -22.36
C ASP D 122 -14.69 -26.47 -23.21
N PHE D 123 -15.82 -27.16 -23.17
CA PHE D 123 -16.04 -28.33 -24.00
C PHE D 123 -17.06 -28.03 -25.09
N VAL D 124 -16.98 -28.82 -26.16
CA VAL D 124 -17.99 -28.73 -27.21
C VAL D 124 -19.28 -29.38 -26.76
N ASP D 125 -19.18 -30.49 -26.04
CA ASP D 125 -20.35 -31.13 -25.43
C ASP D 125 -20.70 -30.40 -24.15
N VAL D 126 -21.92 -29.87 -24.07
CA VAL D 126 -22.38 -29.11 -22.92
C VAL D 126 -23.31 -30.00 -22.10
N PRO D 127 -23.04 -30.21 -20.81
CA PRO D 127 -23.87 -31.14 -20.02
C PRO D 127 -25.12 -30.51 -19.42
N CYS D 128 -25.85 -29.72 -20.21
CA CYS D 128 -27.15 -29.20 -19.80
C CYS D 128 -28.03 -29.09 -21.03
N SER D 129 -29.29 -29.51 -20.90
CA SER D 129 -30.19 -29.48 -22.03
C SER D 129 -30.53 -28.05 -22.44
N HIS D 130 -30.81 -27.18 -21.47
CA HIS D 130 -31.28 -25.83 -21.76
C HIS D 130 -30.28 -24.76 -21.35
N PHE D 131 -29.99 -24.61 -20.07
CA PHE D 131 -29.10 -23.54 -19.60
C PHE D 131 -28.04 -24.13 -18.67
N CYS D 132 -26.81 -23.64 -18.83
CA CYS D 132 -25.66 -24.11 -18.07
C CYS D 132 -25.14 -23.00 -17.16
N ASN D 133 -24.81 -23.37 -15.92
CA ASN D 133 -24.24 -22.46 -14.93
C ASN D 133 -22.87 -23.00 -14.50
N ASN D 134 -21.83 -22.20 -14.70
CA ASN D 134 -20.49 -22.51 -14.25
C ASN D 134 -20.22 -21.89 -12.88
N PHE D 135 -19.49 -22.61 -12.03
CA PHE D 135 -18.92 -21.99 -10.85
C PHE D 135 -17.54 -22.60 -10.57
N ILE D 136 -16.79 -21.93 -9.71
CA ILE D 136 -15.41 -22.34 -9.43
C ILE D 136 -15.47 -23.70 -8.75
N GLY D 137 -15.09 -24.75 -9.48
CA GLY D 137 -15.10 -26.09 -8.97
C GLY D 137 -16.27 -26.95 -9.41
N GLY D 138 -17.22 -26.40 -10.18
CA GLY D 138 -18.26 -27.25 -10.72
C GLY D 138 -19.25 -26.53 -11.61
N TYR D 139 -20.44 -27.12 -11.74
CA TYR D 139 -21.47 -26.59 -12.62
C TYR D 139 -22.84 -27.10 -12.15
N PHE D 140 -23.90 -26.43 -12.61
CA PHE D 140 -25.27 -26.94 -12.45
C PHE D 140 -26.16 -26.27 -13.49
N CYS D 141 -27.26 -26.94 -13.82
CA CYS D 141 -28.14 -26.58 -14.93
C CYS D 141 -29.38 -25.80 -14.48
N SER D 142 -29.96 -25.06 -15.44
CA SER D 142 -31.21 -24.33 -15.25
C SER D 142 -32.05 -24.38 -16.53
N CYS D 143 -33.28 -23.90 -16.43
CA CYS D 143 -34.33 -24.16 -17.42
C CYS D 143 -35.10 -22.88 -17.75
N PRO D 144 -35.85 -22.90 -18.86
CA PRO D 144 -36.61 -21.70 -19.32
C PRO D 144 -37.96 -21.58 -18.64
N PRO D 145 -38.80 -20.61 -19.02
CA PRO D 145 -40.08 -20.40 -18.34
C PRO D 145 -40.98 -21.64 -18.33
N GLU D 146 -41.54 -21.94 -17.15
CA GLU D 146 -42.50 -23.01 -16.97
C GLU D 146 -41.97 -24.35 -17.46
N TYR D 147 -40.66 -24.54 -17.25
CA TYR D 147 -39.99 -25.83 -17.36
C TYR D 147 -39.54 -26.28 -15.98
N PHE D 148 -39.52 -27.59 -15.76
CA PHE D 148 -39.08 -28.16 -14.51
C PHE D 148 -37.98 -29.18 -14.77
N LEU D 149 -36.92 -29.12 -13.97
CA LEU D 149 -35.71 -29.91 -14.22
C LEU D 149 -35.88 -31.35 -13.76
N HIS D 150 -35.43 -32.28 -14.60
CA HIS D 150 -35.63 -33.71 -14.40
C HIS D 150 -34.65 -34.26 -13.36
N ASP D 151 -34.99 -35.44 -12.85
CA ASP D 151 -34.24 -36.06 -11.76
C ASP D 151 -32.73 -36.13 -12.02
N ASP D 152 -32.32 -36.29 -13.27
CA ASP D 152 -30.90 -36.43 -13.58
C ASP D 152 -30.09 -35.15 -13.38
N MET D 153 -30.71 -34.05 -12.96
CA MET D 153 -30.06 -32.77 -12.69
C MET D 153 -29.48 -32.13 -13.94
N LYS D 154 -29.79 -32.67 -15.12
CA LYS D 154 -29.14 -32.28 -16.37
C LYS D 154 -30.11 -31.79 -17.43
N ASN D 155 -31.18 -32.54 -17.70
CA ASN D 155 -32.15 -32.21 -18.74
C ASN D 155 -33.44 -31.69 -18.11
N CYS D 156 -34.10 -30.76 -18.81
CA CYS D 156 -35.33 -30.13 -18.34
C CYS D 156 -36.53 -30.76 -19.04
N GLY D 157 -37.73 -30.48 -18.53
CA GLY D 157 -38.93 -31.06 -19.09
C GLY D 157 -40.14 -30.19 -18.86
N VAL D 158 -41.09 -30.27 -19.78
CA VAL D 158 -42.33 -29.50 -19.76
C VAL D 158 -43.41 -30.30 -19.03
N ASN D 159 -44.32 -29.59 -18.38
CA ASN D 159 -45.56 -30.19 -17.91
C ASN D 159 -46.70 -29.88 -18.88
N CYS D 160 -47.63 -30.83 -18.98
CA CYS D 160 -48.73 -30.71 -19.95
C CYS D 160 -49.75 -29.63 -19.54
N SER D 161 -49.84 -29.27 -18.27
CA SER D 161 -50.85 -28.31 -17.85
C SER D 161 -50.29 -27.37 -16.79
N GLY D 162 -51.04 -26.28 -16.54
CA GLY D 162 -50.66 -25.26 -15.58
C GLY D 162 -49.98 -24.06 -16.18
N ASP D 163 -49.62 -24.11 -17.47
CA ASP D 163 -48.73 -23.13 -18.10
C ASP D 163 -49.47 -22.14 -18.99
N VAL D 164 -49.43 -20.86 -18.61
CA VAL D 164 -49.76 -19.75 -19.49
C VAL D 164 -48.45 -19.01 -19.77
N PHE D 165 -48.07 -18.91 -21.03
CA PHE D 165 -46.79 -18.33 -21.41
C PHE D 165 -46.92 -16.83 -21.67
N THR D 166 -46.21 -16.04 -20.89
CA THR D 166 -46.21 -14.58 -21.04
C THR D 166 -44.88 -14.02 -21.49
N ALA D 167 -43.81 -14.82 -21.48
CA ALA D 167 -42.51 -14.35 -21.93
C ALA D 167 -42.52 -14.03 -23.42
N LEU D 168 -41.75 -13.02 -23.80
CA LEU D 168 -41.68 -12.65 -25.22
C LEU D 168 -40.89 -13.67 -26.03
N ILE D 169 -39.81 -14.21 -25.46
CA ILE D 169 -39.02 -15.25 -26.10
C ILE D 169 -38.98 -16.44 -25.15
N GLY D 170 -39.41 -17.61 -25.62
CA GLY D 170 -39.48 -18.75 -24.74
C GLY D 170 -39.44 -20.06 -25.48
N GLU D 171 -39.40 -21.16 -24.73
CA GLU D 171 -39.33 -22.50 -25.30
C GLU D 171 -40.55 -23.33 -24.91
N ILE D 172 -40.89 -24.28 -25.77
CA ILE D 172 -41.92 -25.29 -25.48
C ILE D 172 -41.47 -26.61 -26.07
N ALA D 173 -41.73 -27.71 -25.37
CA ALA D 173 -41.39 -29.05 -25.85
C ALA D 173 -42.54 -29.99 -25.54
N SER D 174 -42.48 -31.18 -26.13
CA SER D 174 -43.40 -32.24 -25.77
C SER D 174 -42.99 -32.86 -24.42
N PRO D 175 -43.95 -33.42 -23.69
CA PRO D 175 -43.60 -34.01 -22.39
C PRO D 175 -42.65 -35.18 -22.54
N ASN D 176 -41.77 -35.33 -21.55
CA ASN D 176 -40.71 -36.34 -21.46
C ASN D 176 -39.57 -36.10 -22.44
N TYR D 177 -39.63 -35.07 -23.28
CA TYR D 177 -38.67 -34.90 -24.36
C TYR D 177 -37.24 -34.88 -23.80
N PRO D 178 -36.29 -35.55 -24.46
CA PRO D 178 -36.47 -36.27 -25.73
C PRO D 178 -36.98 -37.71 -25.63
N LYS D 179 -37.47 -38.14 -24.47
CA LYS D 179 -38.05 -39.46 -24.35
C LYS D 179 -39.43 -39.48 -25.01
N PRO D 180 -39.98 -40.67 -25.29
CA PRO D 180 -41.23 -40.75 -26.06
C PRO D 180 -42.40 -40.11 -25.32
N TYR D 181 -43.31 -39.53 -26.11
CA TYR D 181 -44.45 -38.82 -25.54
C TYR D 181 -45.48 -39.80 -24.98
N PRO D 182 -46.24 -39.38 -23.96
CA PRO D 182 -47.26 -40.27 -23.38
C PRO D 182 -48.45 -40.49 -24.30
N GLU D 183 -49.03 -41.68 -24.19
CA GLU D 183 -50.17 -42.07 -25.01
C GLU D 183 -51.48 -41.51 -24.46
N ASN D 184 -52.47 -41.40 -25.35
CA ASN D 184 -53.86 -41.10 -24.99
C ASN D 184 -53.97 -39.78 -24.23
N SER D 185 -53.26 -38.75 -24.71
CA SER D 185 -53.23 -37.46 -24.05
C SER D 185 -53.44 -36.33 -25.05
N ARG D 186 -54.01 -35.22 -24.57
CA ARG D 186 -54.16 -33.99 -25.33
C ARG D 186 -53.51 -32.86 -24.55
N CYS D 187 -52.37 -32.37 -25.03
CA CYS D 187 -51.63 -31.31 -24.37
C CYS D 187 -51.75 -30.01 -25.16
N GLU D 188 -52.37 -29.01 -24.53
CA GLU D 188 -52.55 -27.68 -25.11
C GLU D 188 -51.71 -26.68 -24.32
N TYR D 189 -50.81 -25.99 -25.01
CA TYR D 189 -49.99 -24.94 -24.42
C TYR D 189 -50.41 -23.60 -25.01
N GLN D 190 -50.46 -22.56 -24.20
CA GLN D 190 -51.05 -21.28 -24.57
C GLN D 190 -50.04 -20.15 -24.39
N ILE D 191 -49.86 -19.36 -25.45
CA ILE D 191 -48.99 -18.19 -25.44
C ILE D 191 -49.87 -16.95 -25.53
N ARG D 192 -49.64 -15.99 -24.62
CA ARG D 192 -50.43 -14.76 -24.54
C ARG D 192 -49.48 -13.58 -24.43
N LEU D 193 -49.38 -12.78 -25.50
CA LEU D 193 -48.48 -11.64 -25.55
C LEU D 193 -49.27 -10.33 -25.57
N GLU D 194 -48.54 -9.22 -25.58
CA GLU D 194 -49.17 -7.93 -25.82
C GLU D 194 -49.79 -7.91 -27.21
N LYS D 195 -50.84 -7.11 -27.37
CA LYS D 195 -51.61 -7.07 -28.60
C LYS D 195 -50.76 -6.65 -29.80
N GLY D 196 -49.78 -5.78 -29.61
CA GLY D 196 -49.00 -5.29 -30.74
C GLY D 196 -48.05 -6.29 -31.35
N PHE D 197 -47.80 -7.42 -30.69
CA PHE D 197 -46.82 -8.41 -31.16
C PHE D 197 -47.47 -9.54 -31.95
N GLN D 198 -46.62 -10.22 -32.71
CA GLN D 198 -46.92 -11.45 -33.43
C GLN D 198 -46.07 -12.57 -32.87
N VAL D 199 -46.69 -13.71 -32.59
CA VAL D 199 -45.97 -14.91 -32.20
C VAL D 199 -45.37 -15.55 -33.44
N VAL D 200 -44.05 -15.68 -33.48
CA VAL D 200 -43.35 -16.38 -34.55
C VAL D 200 -42.70 -17.62 -33.94
N VAL D 201 -43.06 -18.78 -34.48
CA VAL D 201 -42.67 -20.08 -33.95
C VAL D 201 -41.55 -20.66 -34.80
N THR D 202 -40.43 -21.01 -34.16
CA THR D 202 -39.35 -21.75 -34.80
C THR D 202 -39.22 -23.12 -34.16
N LEU D 203 -39.04 -24.15 -34.99
CA LEU D 203 -38.67 -25.46 -34.49
C LEU D 203 -37.85 -26.17 -35.55
N ARG D 204 -36.79 -26.83 -35.11
CA ARG D 204 -35.81 -27.40 -36.03
C ARG D 204 -36.43 -28.55 -36.82
N ARG D 205 -36.09 -28.62 -38.11
CA ARG D 205 -36.61 -29.69 -38.96
C ARG D 205 -36.26 -31.07 -38.43
N GLU D 206 -35.11 -31.21 -37.75
CA GLU D 206 -34.70 -32.48 -37.18
C GLU D 206 -35.27 -32.76 -35.79
N ASP D 207 -35.78 -31.74 -35.10
CA ASP D 207 -36.32 -31.93 -33.75
C ASP D 207 -37.82 -32.23 -33.78
N PHE D 208 -38.23 -33.19 -34.60
CA PHE D 208 -39.66 -33.49 -34.75
C PHE D 208 -39.82 -34.91 -35.24
N ASP D 209 -40.46 -35.76 -34.44
CA ASP D 209 -40.73 -37.15 -34.85
C ASP D 209 -42.01 -37.61 -34.15
N VAL D 210 -43.12 -37.63 -34.90
CA VAL D 210 -44.43 -38.01 -34.39
C VAL D 210 -44.95 -39.17 -35.22
N GLU D 211 -45.78 -40.02 -34.62
CA GLU D 211 -46.38 -41.16 -35.31
C GLU D 211 -46.91 -40.78 -36.68
N ALA D 212 -46.51 -41.54 -37.69
CA ALA D 212 -46.82 -41.21 -39.07
C ALA D 212 -48.32 -41.33 -39.35
N ALA D 213 -48.73 -40.74 -40.46
CA ALA D 213 -50.11 -40.78 -40.91
C ALA D 213 -50.45 -42.13 -41.53
N ASP D 214 -51.74 -42.38 -41.71
CA ASP D 214 -52.19 -43.57 -42.41
C ASP D 214 -51.91 -43.44 -43.92
N SER D 215 -52.28 -44.49 -44.66
CA SER D 215 -52.09 -44.49 -46.10
C SER D 215 -52.77 -43.29 -46.76
N ALA D 216 -53.95 -42.90 -46.27
CA ALA D 216 -54.68 -41.78 -46.85
C ALA D 216 -54.07 -40.44 -46.50
N GLY D 217 -53.10 -40.39 -45.59
CA GLY D 217 -52.44 -39.15 -45.23
C GLY D 217 -53.02 -38.42 -44.04
N ASN D 218 -53.94 -39.03 -43.30
CA ASN D 218 -54.49 -38.43 -42.10
C ASN D 218 -53.63 -38.82 -40.88
N CYS D 219 -53.21 -37.81 -40.11
CA CYS D 219 -52.35 -38.05 -38.97
C CYS D 219 -53.09 -38.79 -37.87
N LEU D 220 -52.54 -39.93 -37.45
CA LEU D 220 -53.12 -40.67 -36.33
C LEU D 220 -52.78 -40.00 -35.00
N ASP D 221 -51.57 -39.46 -34.88
CA ASP D 221 -51.19 -38.52 -33.84
C ASP D 221 -50.84 -37.20 -34.49
N SER D 222 -51.21 -36.08 -33.86
CA SER D 222 -51.10 -34.80 -34.56
C SER D 222 -50.67 -33.68 -33.62
N LEU D 223 -50.07 -32.66 -34.22
CA LEU D 223 -49.72 -31.39 -33.58
C LEU D 223 -50.24 -30.25 -34.44
N VAL D 224 -50.82 -29.23 -33.81
CA VAL D 224 -51.50 -28.19 -34.57
C VAL D 224 -51.45 -26.87 -33.81
N PHE D 225 -51.24 -25.78 -34.56
CA PHE D 225 -51.22 -24.42 -34.03
C PHE D 225 -52.51 -23.71 -34.43
N VAL D 226 -53.20 -23.13 -33.45
CA VAL D 226 -54.44 -22.41 -33.66
C VAL D 226 -54.22 -20.94 -33.32
N ALA D 227 -54.49 -20.07 -34.29
CA ALA D 227 -54.45 -18.62 -34.09
C ALA D 227 -55.79 -18.05 -34.55
N GLY D 228 -56.77 -18.03 -33.63
CA GLY D 228 -58.09 -17.53 -33.95
C GLY D 228 -58.76 -18.30 -35.07
N ASP D 229 -58.83 -17.68 -36.25
CA ASP D 229 -59.37 -18.32 -37.45
C ASP D 229 -58.30 -19.12 -38.18
N ARG D 230 -57.07 -18.59 -38.19
CA ARG D 230 -55.95 -19.26 -38.83
C ARG D 230 -55.56 -20.54 -38.09
N GLN D 231 -55.00 -21.49 -38.85
CA GLN D 231 -54.63 -22.78 -38.27
C GLN D 231 -53.52 -23.40 -39.09
N PHE D 232 -52.48 -23.89 -38.42
CA PHE D 232 -51.33 -24.53 -39.05
C PHE D 232 -51.26 -25.97 -38.58
N GLY D 233 -51.32 -26.92 -39.52
CA GLY D 233 -51.32 -28.32 -39.18
C GLY D 233 -52.55 -29.03 -39.73
N PRO D 234 -52.74 -30.31 -39.35
CA PRO D 234 -51.93 -31.12 -38.43
C PRO D 234 -50.60 -31.59 -39.01
N TYR D 235 -49.57 -31.64 -38.16
CA TYR D 235 -48.23 -32.08 -38.55
C TYR D 235 -47.92 -33.42 -37.89
N CYS D 236 -47.28 -34.31 -38.65
CA CYS D 236 -46.88 -35.61 -38.12
C CYS D 236 -45.84 -36.23 -39.04
N GLY D 237 -45.27 -37.34 -38.60
CA GLY D 237 -44.20 -38.03 -39.30
C GLY D 237 -42.84 -37.74 -38.69
N HIS D 238 -41.81 -38.33 -39.29
CA HIS D 238 -40.43 -38.09 -38.87
C HIS D 238 -39.87 -36.92 -39.64
N GLY D 239 -39.62 -35.81 -38.95
CA GLY D 239 -39.14 -34.61 -39.59
C GLY D 239 -40.25 -33.60 -39.73
N PHE D 240 -39.98 -32.35 -39.38
CA PHE D 240 -41.01 -31.32 -39.46
C PHE D 240 -41.27 -30.94 -40.91
N PRO D 241 -42.50 -31.10 -41.41
CA PRO D 241 -42.76 -30.82 -42.82
C PRO D 241 -42.83 -29.34 -43.16
N GLY D 242 -43.17 -28.50 -42.19
CA GLY D 242 -43.25 -27.08 -42.42
C GLY D 242 -41.88 -26.43 -42.44
N PRO D 243 -41.85 -25.16 -42.80
CA PRO D 243 -40.59 -24.41 -42.76
C PRO D 243 -40.10 -24.25 -41.33
N LEU D 244 -38.79 -24.06 -41.20
CA LEU D 244 -38.17 -23.97 -39.88
C LEU D 244 -38.55 -22.68 -39.16
N ASN D 245 -38.99 -21.66 -39.90
CA ASN D 245 -39.41 -20.37 -39.35
C ASN D 245 -40.85 -20.12 -39.78
N ILE D 246 -41.76 -19.97 -38.80
CA ILE D 246 -43.20 -19.88 -39.07
C ILE D 246 -43.77 -18.59 -38.49
N GLU D 247 -44.59 -17.89 -39.30
CA GLU D 247 -45.31 -16.69 -38.87
C GLU D 247 -46.78 -17.02 -38.66
N THR D 248 -47.29 -16.76 -37.45
CA THR D 248 -48.70 -17.00 -37.14
C THR D 248 -49.59 -15.78 -37.32
N LYS D 249 -49.03 -14.57 -37.28
CA LYS D 249 -49.79 -13.32 -37.34
C LYS D 249 -50.89 -13.27 -36.26
N SER D 250 -50.46 -13.39 -35.01
CA SER D 250 -51.37 -13.34 -33.87
C SER D 250 -50.56 -13.17 -32.59
N ASN D 251 -51.14 -12.43 -31.64
CA ASN D 251 -50.52 -12.23 -30.33
C ASN D 251 -50.87 -13.30 -29.31
N ALA D 252 -51.88 -14.14 -29.59
CA ALA D 252 -52.26 -15.25 -28.71
C ALA D 252 -52.34 -16.52 -29.54
N LEU D 253 -51.70 -17.58 -29.06
CA LEU D 253 -51.56 -18.81 -29.84
C LEU D 253 -51.82 -20.04 -28.97
N ASP D 254 -52.57 -20.99 -29.52
CA ASP D 254 -52.88 -22.25 -28.84
C ASP D 254 -52.24 -23.41 -29.60
N ILE D 255 -51.37 -24.18 -28.94
CA ILE D 255 -50.72 -25.33 -29.56
C ILE D 255 -51.30 -26.61 -28.95
N ILE D 256 -51.89 -27.45 -29.80
CA ILE D 256 -52.60 -28.65 -29.37
C ILE D 256 -51.85 -29.88 -29.87
N PHE D 257 -51.76 -30.91 -29.01
CA PHE D 257 -50.98 -32.11 -29.26
C PHE D 257 -51.80 -33.34 -28.88
N GLN D 258 -52.29 -34.07 -29.88
CA GLN D 258 -53.17 -35.22 -29.68
C GLN D 258 -52.46 -36.53 -29.99
N THR D 259 -52.61 -37.52 -29.10
CA THR D 259 -52.05 -38.86 -29.25
C THR D 259 -53.10 -39.92 -28.93
N ASP D 260 -53.00 -41.05 -29.62
CA ASP D 260 -53.86 -42.20 -29.37
C ASP D 260 -53.16 -43.22 -28.46
N LEU D 261 -53.75 -44.42 -28.36
CA LEU D 261 -53.34 -45.38 -27.32
C LEU D 261 -51.96 -45.97 -27.57
N THR D 262 -51.63 -46.31 -28.82
CA THR D 262 -50.33 -46.88 -29.13
C THR D 262 -49.79 -46.24 -30.39
N GLY D 263 -48.52 -46.52 -30.68
CA GLY D 263 -47.82 -45.81 -31.73
C GLY D 263 -47.26 -44.47 -31.30
N GLN D 264 -46.29 -44.50 -30.38
CA GLN D 264 -45.64 -43.29 -29.91
C GLN D 264 -44.25 -43.15 -30.55
N LYS D 265 -43.67 -41.95 -30.39
CA LYS D 265 -42.38 -41.62 -30.99
C LYS D 265 -41.67 -40.60 -30.11
N LYS D 266 -40.43 -40.27 -30.51
CA LYS D 266 -39.57 -39.31 -29.82
C LYS D 266 -40.31 -38.03 -29.39
N GLY D 267 -40.86 -37.29 -30.35
CA GLY D 267 -41.55 -36.05 -30.05
C GLY D 267 -40.86 -34.86 -30.73
N TRP D 268 -41.05 -33.68 -30.13
CA TRP D 268 -40.71 -32.42 -30.77
C TRP D 268 -40.28 -31.38 -29.73
N LYS D 269 -39.62 -30.33 -30.22
CA LYS D 269 -39.18 -29.20 -29.40
C LYS D 269 -39.22 -27.94 -30.26
N LEU D 270 -39.48 -26.80 -29.62
CA LEU D 270 -39.62 -25.53 -30.33
C LEU D 270 -39.27 -24.35 -29.43
N ARG D 271 -39.00 -23.22 -30.08
CA ARG D 271 -38.76 -21.94 -29.42
C ARG D 271 -39.43 -20.82 -30.22
N TYR D 272 -40.06 -19.88 -29.50
CA TYR D 272 -40.84 -18.80 -30.09
C TYR D 272 -40.32 -17.44 -29.67
N HIS D 273 -40.46 -16.45 -30.57
CA HIS D 273 -40.18 -15.05 -30.25
C HIS D 273 -41.27 -14.18 -30.86
N GLY D 274 -41.14 -12.86 -30.65
CA GLY D 274 -42.14 -11.90 -31.10
C GLY D 274 -41.70 -10.97 -32.21
N ASP D 275 -42.66 -10.44 -32.98
CA ASP D 275 -42.36 -9.41 -34.00
C ASP D 275 -43.47 -8.37 -34.06
N PRO D 276 -43.14 -7.09 -34.09
CA PRO D 276 -44.20 -6.04 -34.10
C PRO D 276 -45.00 -6.07 -35.40
N MET D 277 -46.12 -5.34 -35.36
CA MET D 277 -47.05 -5.26 -36.47
C MET D 277 -47.05 -3.87 -37.09
#